data_7F4N
#
_entry.id   7F4N
#
_cell.length_a   82.616
_cell.length_b   84.853
_cell.length_c   160.075
_cell.angle_alpha   90.000
_cell.angle_beta   90.000
_cell.angle_gamma   90.000
#
_symmetry.space_group_name_H-M   'P 21 21 21'
#
loop_
_entity.id
_entity.type
_entity.pdbx_description
1 polymer 'Transmembrane protein, putative'
2 polymer 'MT-a70 family protein'
3 polymer 'p1 protein'
4 non-polymer S-ADENOSYL-L-HOMOCYSTEINE
5 water water
#
loop_
_entity_poly.entity_id
_entity_poly.type
_entity_poly.pdbx_seq_one_letter_code
_entity_poly.pdbx_strand_id
1 'polypeptide(L)'
;MKKNGKSQNQPLDFTQYAKNMRKDLSNQDICLEDGALNHSYFLTKKGQYWTPLNQKALQRGIELFGVGNWKEINYDEFSG
KANIVELELRTCMILGINDITEYYGKKISEEEQEEIKKSNIAKGKKENKLKDNIYQKLQQMQ
;
B,G
2 'polypeptide(L)'
;DDYLDRLPKSKKGLQGLLQDIEKRILHYKQLFFKEQNEIANGKRSMVPDNSIPICSDVTKLNFQALIDAQMRHAGKMFDV
IMMDPPWQLSSSQPSRGVAIAYDSLSDEKIQNMPIQSLQQDGFIFVWAINAKYRVTIKMIENWGYKLVDEITWVKKTVNG
KIAKGHGFYLQHAKESCLIGVKGDVDNGRFKKNIASDVIFSERRGQSQKPEEIYQYINQLCPNGNYLEIFARRNNLHDNW
VSIGNEL
;
C,D
3 'polypeptide(L)'
;MSLKKGKFQHNQSKSLWNYTLSPGWREEEVKILKSALQLFGIGKWKKIMESGCLPGKSIGQIYMQTQRLLGQQSLGDFMG
LQIDLEAVFNQNMKKQDVLRKNNCIINTGDNPTKEERKRRIEQNRKIYGLSAKQIAEIKLPKVKKHAPQYMTLEDIENEK
FTNLEILTHLYNLKAEIVRRLAEQGETIAQPSIIKSLNNLNHNLEQNQNSNSSTETKVTLEQSGKKKYKVLAIEETELQN
GPIATNSQKKSINGKRKNNRKINSDSEGNEEDISLEDIDSQESEINSEEIVEDDEEDEQIEEPSKIKKR
;
E,F
#
# COMPACT_ATOMS: atom_id res chain seq x y z
N PRO A 11 -23.87 -0.76 -27.72
CA PRO A 11 -25.14 -0.05 -27.71
C PRO A 11 -26.00 -0.44 -26.49
N LEU A 12 -25.50 -0.10 -25.29
CA LEU A 12 -26.21 -0.36 -24.04
C LEU A 12 -26.49 0.97 -23.36
N ASP A 13 -27.77 1.36 -23.34
CA ASP A 13 -28.23 2.61 -22.73
C ASP A 13 -28.35 2.42 -21.23
N PHE A 14 -27.54 3.14 -20.46
CA PHE A 14 -27.50 2.89 -19.02
C PHE A 14 -28.65 3.57 -18.28
N THR A 15 -29.11 4.71 -18.79
CA THR A 15 -30.21 5.39 -18.14
C THR A 15 -31.49 4.55 -18.27
N GLN A 16 -31.68 3.89 -19.41
CA GLN A 16 -32.79 2.97 -19.59
C GLN A 16 -32.54 1.63 -18.89
N TYR A 17 -31.29 1.12 -18.94
CA TYR A 17 -30.93 -0.09 -18.21
C TYR A 17 -31.14 0.06 -16.70
N ALA A 18 -30.96 1.27 -16.18
CA ALA A 18 -31.12 1.50 -14.74
C ALA A 18 -32.58 1.39 -14.32
N LYS A 19 -33.48 2.07 -15.04
CA LYS A 19 -34.90 2.07 -14.68
C LYS A 19 -35.50 0.68 -14.87
N ASN A 20 -35.04 0.03 -15.95
CA ASN A 20 -35.51 -1.29 -16.37
C ASN A 20 -35.12 -2.35 -15.36
N MET A 21 -34.01 -2.13 -14.64
CA MET A 21 -33.63 -3.00 -13.51
C MET A 21 -34.40 -2.63 -12.26
N ARG A 22 -34.44 -1.35 -11.93
CA ARG A 22 -35.09 -0.88 -10.71
C ARG A 22 -36.53 -1.35 -10.63
N LYS A 23 -37.21 -1.48 -11.77
CA LYS A 23 -38.59 -1.94 -11.74
C LYS A 23 -38.69 -3.40 -11.30
N ASP A 24 -37.75 -4.23 -11.75
CA ASP A 24 -37.89 -5.67 -11.57
C ASP A 24 -37.25 -6.19 -10.27
N LEU A 25 -36.30 -5.45 -9.68
CA LEU A 25 -35.49 -5.89 -8.54
C LEU A 25 -35.62 -5.03 -7.29
N SER A 26 -35.51 -3.71 -7.43
CA SER A 26 -35.60 -2.82 -6.29
C SER A 26 -36.95 -2.91 -5.59
N ASN A 27 -36.97 -2.51 -4.32
CA ASN A 27 -38.19 -2.53 -3.53
C ASN A 27 -39.12 -1.41 -4.00
N GLN A 28 -40.39 -1.53 -3.64
CA GLN A 28 -41.39 -0.58 -4.13
C GLN A 28 -41.08 0.83 -3.64
N ASP A 29 -40.37 0.93 -2.51
CA ASP A 29 -40.06 2.23 -1.92
C ASP A 29 -38.91 2.93 -2.65
N ILE A 30 -38.05 2.17 -3.35
CA ILE A 30 -36.84 2.77 -3.91
C ILE A 30 -37.11 3.41 -5.26
N CYS A 31 -37.98 2.81 -6.08
CA CYS A 31 -38.26 3.34 -7.40
C CYS A 31 -39.76 3.59 -7.54
N LEU A 32 -40.11 4.69 -8.20
CA LEU A 32 -41.49 4.90 -8.59
C LEU A 32 -41.85 3.91 -9.69
N GLU A 33 -43.13 3.49 -9.73
CA GLU A 33 -43.59 2.59 -10.81
C GLU A 33 -43.19 3.14 -12.17
N ASP A 34 -43.01 4.45 -12.23
CA ASP A 34 -42.31 5.15 -13.30
C ASP A 34 -41.00 4.46 -13.64
N GLY A 35 -40.33 3.91 -12.64
CA GLY A 35 -39.02 3.36 -12.82
C GLY A 35 -37.90 4.27 -12.37
N ALA A 36 -38.15 5.58 -12.31
CA ALA A 36 -37.16 6.52 -11.82
C ALA A 36 -36.90 6.32 -10.32
N LEU A 37 -35.85 6.97 -9.84
CA LEU A 37 -35.42 6.85 -8.45
C LEU A 37 -36.28 7.71 -7.52
N ASN A 38 -36.58 7.17 -6.32
CA ASN A 38 -37.39 7.85 -5.29
C ASN A 38 -36.44 8.46 -4.26
N HIS A 39 -35.95 9.65 -4.57
CA HIS A 39 -35.03 10.31 -3.65
C HIS A 39 -35.64 10.59 -2.28
N SER A 40 -36.97 10.65 -2.14
CA SER A 40 -37.51 10.83 -0.80
C SER A 40 -37.08 9.70 0.12
N TYR A 41 -36.77 8.53 -0.45
CA TYR A 41 -36.45 7.36 0.35
C TYR A 41 -35.07 7.45 0.95
N PHE A 42 -34.15 8.10 0.25
CA PHE A 42 -32.79 8.24 0.72
C PHE A 42 -32.58 9.50 1.54
N LEU A 43 -33.56 10.41 1.56
CA LEU A 43 -33.44 11.54 2.47
C LEU A 43 -33.85 11.19 3.90
N THR A 44 -34.31 9.97 4.14
CA THR A 44 -34.64 9.45 5.45
C THR A 44 -33.83 8.19 5.72
N LYS A 45 -33.26 8.10 6.94
CA LYS A 45 -32.45 6.96 7.35
C LYS A 45 -33.11 5.62 7.01
N LYS A 46 -32.32 4.55 6.97
CA LYS A 46 -32.84 3.24 6.63
C LYS A 46 -33.71 2.72 7.78
N GLY A 47 -34.99 2.47 7.51
CA GLY A 47 -35.91 1.92 8.48
C GLY A 47 -36.84 2.94 9.12
N GLN A 48 -36.60 4.23 8.86
CA GLN A 48 -37.47 5.31 9.29
C GLN A 48 -38.14 6.03 8.11
N TYR A 49 -38.20 5.38 6.95
CA TYR A 49 -38.93 6.01 5.85
C TYR A 49 -40.43 5.86 6.07
N TRP A 50 -41.16 6.85 5.59
CA TRP A 50 -42.61 6.93 5.72
C TRP A 50 -43.21 6.73 4.33
N THR A 51 -43.61 5.49 4.07
CA THR A 51 -44.28 5.13 2.83
C THR A 51 -45.62 5.86 2.71
N PRO A 52 -46.08 6.09 1.48
CA PRO A 52 -47.44 6.60 1.30
C PRO A 52 -48.51 5.65 1.79
N LEU A 53 -48.28 4.34 1.69
CA LEU A 53 -49.20 3.40 2.32
C LEU A 53 -49.28 3.58 3.83
N ASN A 54 -48.33 4.32 4.41
CA ASN A 54 -48.35 4.64 5.82
C ASN A 54 -49.11 5.93 6.11
N GLN A 55 -49.07 6.90 5.19
CA GLN A 55 -49.83 8.13 5.42
C GLN A 55 -51.32 7.87 5.29
N LYS A 56 -51.71 7.03 4.33
CA LYS A 56 -53.12 6.65 4.25
C LYS A 56 -53.52 5.80 5.45
N ALA A 57 -52.62 4.93 5.93
CA ALA A 57 -52.92 4.16 7.13
C ALA A 57 -53.16 5.07 8.32
N LEU A 58 -52.47 6.21 8.41
CA LEU A 58 -52.69 7.09 9.56
C LEU A 58 -54.01 7.81 9.43
N GLN A 59 -54.24 8.47 8.29
CA GLN A 59 -55.49 9.21 8.10
C GLN A 59 -56.69 8.32 8.42
N ARG A 60 -56.61 7.06 8.00
CA ARG A 60 -57.62 6.08 8.35
C ARG A 60 -57.74 5.89 9.86
N GLY A 61 -56.61 5.87 10.57
CA GLY A 61 -56.65 5.68 12.00
C GLY A 61 -57.33 6.81 12.75
N ILE A 62 -57.33 8.01 12.18
CA ILE A 62 -57.92 9.13 12.91
C ILE A 62 -59.44 9.00 12.95
N GLU A 63 -60.04 8.42 11.91
CA GLU A 63 -61.49 8.22 11.91
C GLU A 63 -61.90 7.13 12.90
N LEU A 64 -61.12 6.05 13.00
CA LEU A 64 -61.51 4.91 13.82
C LEU A 64 -61.10 5.00 15.27
N PHE A 65 -60.06 5.77 15.59
CA PHE A 65 -59.55 5.85 16.96
C PHE A 65 -59.32 7.25 17.49
N GLY A 66 -59.49 8.30 16.65
CA GLY A 66 -59.33 9.68 17.07
C GLY A 66 -57.89 10.17 17.09
N VAL A 67 -57.74 11.45 17.43
CA VAL A 67 -56.42 12.10 17.41
C VAL A 67 -55.50 11.59 18.54
N GLY A 68 -56.01 11.38 19.75
CA GLY A 68 -55.12 11.16 20.88
C GLY A 68 -54.56 9.76 21.02
N ASN A 69 -55.29 8.75 20.58
CA ASN A 69 -54.94 7.38 20.92
C ASN A 69 -53.93 6.83 19.89
N TRP A 70 -52.68 7.28 20.04
CA TRP A 70 -51.62 6.75 19.19
C TRP A 70 -51.37 5.28 19.49
N LYS A 71 -51.36 4.91 20.78
CA LYS A 71 -51.10 3.52 21.13
C LYS A 71 -52.05 2.58 20.40
N GLU A 72 -53.34 2.91 20.43
CA GLU A 72 -54.37 2.09 19.79
C GLU A 72 -54.25 2.11 18.26
N ILE A 73 -53.82 3.23 17.68
CA ILE A 73 -53.72 3.29 16.22
C ILE A 73 -52.55 2.47 15.72
N ASN A 74 -51.34 2.77 16.24
CA ASN A 74 -50.17 1.96 15.96
C ASN A 74 -50.52 0.50 16.03
N TYR A 75 -51.51 0.12 16.88
CA TYR A 75 -51.87 -1.25 17.00
C TYR A 75 -52.50 -1.77 15.72
N ASP A 76 -53.54 -1.10 15.20
CA ASP A 76 -54.41 -1.69 14.19
C ASP A 76 -53.86 -1.54 12.78
N GLU A 77 -53.31 -0.38 12.52
CA GLU A 77 -52.87 -0.03 11.19
C GLU A 77 -51.42 -0.39 10.94
N PHE A 78 -50.57 -0.29 11.95
CA PHE A 78 -49.14 -0.54 11.82
C PHE A 78 -48.67 -1.76 12.57
N SER A 79 -49.61 -2.58 13.07
CA SER A 79 -49.29 -3.79 13.80
C SER A 79 -48.13 -3.56 14.78
N GLY A 80 -48.20 -2.46 15.53
CA GLY A 80 -47.32 -2.24 16.67
C GLY A 80 -45.88 -1.91 16.34
N LYS A 81 -45.63 -1.41 15.13
CA LYS A 81 -44.28 -1.22 14.65
C LYS A 81 -43.91 0.22 14.41
N ALA A 82 -44.88 1.12 14.35
CA ALA A 82 -44.60 2.52 14.04
C ALA A 82 -44.27 3.29 15.31
N ASN A 83 -43.76 4.51 15.12
CA ASN A 83 -43.30 5.31 16.24
C ASN A 83 -44.44 6.17 16.75
N ILE A 84 -44.77 6.05 18.04
CA ILE A 84 -45.85 6.87 18.58
C ILE A 84 -45.59 8.34 18.32
N VAL A 85 -44.33 8.76 18.44
CA VAL A 85 -44.05 10.18 18.29
C VAL A 85 -44.05 10.59 16.82
N GLU A 86 -43.76 9.66 15.90
CA GLU A 86 -43.84 10.01 14.48
C GLU A 86 -45.29 10.17 14.03
N LEU A 87 -46.19 9.35 14.54
CA LEU A 87 -47.61 9.67 14.43
C LEU A 87 -47.90 11.05 14.99
N GLU A 88 -47.47 11.29 16.25
CA GLU A 88 -47.79 12.52 16.98
C GLU A 88 -47.43 13.76 16.18
N LEU A 89 -46.40 13.64 15.33
CA LEU A 89 -45.91 14.76 14.53
C LEU A 89 -46.51 14.79 13.14
N ARG A 90 -46.67 13.61 12.53
CA ARG A 90 -47.20 13.58 11.17
C ARG A 90 -48.62 14.09 11.11
N THR A 91 -49.33 14.03 12.23
CA THR A 91 -50.68 14.58 12.25
C THR A 91 -50.64 16.11 12.34
N CYS A 92 -49.66 16.67 13.05
CA CYS A 92 -49.49 18.13 13.02
C CYS A 92 -49.43 18.62 11.58
N MET A 93 -48.68 17.91 10.73
CA MET A 93 -48.60 18.27 9.31
C MET A 93 -49.93 18.05 8.59
N ILE A 94 -50.76 17.16 9.10
CA ILE A 94 -52.08 16.99 8.52
C ILE A 94 -53.00 18.11 8.96
N LEU A 95 -52.87 18.56 10.20
CA LEU A 95 -53.68 19.64 10.71
C LEU A 95 -53.01 21.01 10.57
N GLY A 96 -51.89 21.09 9.86
CA GLY A 96 -51.15 22.33 9.65
C GLY A 96 -50.97 23.20 10.87
N ILE A 97 -50.83 22.59 12.04
CA ILE A 97 -50.70 23.32 13.30
C ILE A 97 -49.61 22.65 14.12
N ASN A 98 -48.85 23.45 14.87
CA ASN A 98 -47.71 22.89 15.59
C ASN A 98 -48.14 22.22 16.90
N ASP A 99 -49.22 22.69 17.49
CA ASP A 99 -49.77 22.15 18.73
C ASP A 99 -51.16 21.61 18.45
N ILE A 100 -51.35 20.31 18.68
CA ILE A 100 -52.66 19.73 18.44
C ILE A 100 -53.35 19.32 19.75
N THR A 101 -52.97 19.95 20.88
CA THR A 101 -53.64 19.63 22.14
C THR A 101 -55.13 19.88 22.02
N GLU A 102 -55.54 20.85 21.19
CA GLU A 102 -56.95 21.21 21.09
C GLU A 102 -57.78 20.07 20.51
N TYR A 103 -57.20 19.35 19.55
CA TYR A 103 -57.85 18.33 18.76
C TYR A 103 -57.76 16.95 19.40
N TYR A 104 -57.21 16.86 20.60
CA TYR A 104 -57.07 15.60 21.30
C TYR A 104 -58.42 14.91 21.39
N GLY A 105 -58.46 13.64 21.00
CA GLY A 105 -59.58 12.75 21.18
C GLY A 105 -60.69 12.89 20.16
N LYS A 106 -60.56 13.80 19.22
CA LYS A 106 -61.59 14.00 18.20
C LYS A 106 -61.37 13.02 17.05
N LYS A 107 -62.34 12.15 16.80
CA LYS A 107 -62.31 11.33 15.59
C LYS A 107 -62.63 12.22 14.39
N ILE A 108 -61.67 12.37 13.48
CA ILE A 108 -61.79 13.34 12.40
C ILE A 108 -61.80 12.61 11.06
N SER A 109 -62.83 12.86 10.27
CA SER A 109 -62.94 12.26 8.96
C SER A 109 -61.85 12.79 8.04
N GLU A 110 -61.46 11.95 7.06
CA GLU A 110 -60.41 12.35 6.14
C GLU A 110 -60.75 13.62 5.40
N GLU A 111 -62.04 13.86 5.20
CA GLU A 111 -62.45 15.08 4.50
C GLU A 111 -62.48 16.26 5.44
N GLU A 112 -62.65 16.02 6.74
CA GLU A 112 -62.60 17.10 7.71
C GLU A 112 -61.16 17.53 7.97
N GLN A 113 -60.20 16.63 7.75
CA GLN A 113 -58.80 16.97 7.99
C GLN A 113 -58.33 18.07 7.05
N GLU A 114 -58.60 17.92 5.76
CA GLU A 114 -58.16 18.94 4.80
C GLU A 114 -58.78 20.29 5.09
N GLU A 115 -60.08 20.31 5.45
CA GLU A 115 -60.68 21.55 5.91
C GLU A 115 -59.96 22.09 7.14
N ILE A 116 -59.62 21.21 8.10
CA ILE A 116 -58.95 21.68 9.30
C ILE A 116 -57.55 22.18 8.98
N LYS A 117 -56.90 21.54 8.01
CA LYS A 117 -55.60 22.01 7.57
C LYS A 117 -55.73 23.35 6.87
N LYS A 118 -56.56 23.40 5.83
CA LYS A 118 -56.77 24.64 5.09
C LYS A 118 -57.22 25.75 6.02
N SER A 119 -58.08 25.46 6.99
CA SER A 119 -58.54 26.54 7.86
C SER A 119 -57.44 26.99 8.83
N ASN A 120 -56.46 26.14 9.13
CA ASN A 120 -55.36 26.48 10.04
C ASN A 120 -54.18 27.12 9.32
N ILE A 121 -53.92 26.67 8.08
CA ILE A 121 -52.98 27.37 7.20
C ILE A 121 -53.46 28.81 6.96
N ALA A 122 -54.66 28.97 6.41
CA ALA A 122 -55.22 30.31 6.23
C ALA A 122 -55.27 31.06 7.55
N LYS A 123 -55.71 30.40 8.63
CA LYS A 123 -55.60 31.00 9.96
C LYS A 123 -54.17 31.47 10.21
N GLY A 124 -53.20 30.59 9.96
CA GLY A 124 -51.81 30.97 10.09
C GLY A 124 -51.41 32.12 9.17
N LYS A 125 -51.77 32.02 7.88
CA LYS A 125 -51.35 33.02 6.91
C LYS A 125 -51.75 34.42 7.34
N LYS A 126 -52.99 34.58 7.82
CA LYS A 126 -53.47 35.90 8.21
C LYS A 126 -52.61 36.51 9.30
N GLU A 127 -52.36 35.80 10.40
CA GLU A 127 -51.65 36.41 11.53
C GLU A 127 -50.12 36.38 11.39
N ASN A 128 -49.59 36.01 10.23
CA ASN A 128 -48.14 35.82 10.03
C ASN A 128 -47.53 34.94 11.12
N LYS A 129 -48.33 33.99 11.59
CA LYS A 129 -47.90 32.92 12.49
C LYS A 129 -47.86 31.57 11.78
N LEU A 130 -47.58 31.57 10.49
CA LEU A 130 -47.47 30.36 9.66
C LEU A 130 -46.05 30.16 9.15
N LYS A 131 -45.53 28.93 9.30
CA LYS A 131 -44.28 28.50 8.69
C LYS A 131 -44.38 27.07 8.20
N ASP A 132 -43.87 26.84 6.99
CA ASP A 132 -43.67 25.49 6.46
C ASP A 132 -45.01 24.75 6.32
N ASN A 133 -46.00 25.47 5.80
CA ASN A 133 -47.38 25.01 5.62
C ASN A 133 -48.04 24.65 6.97
N ILE A 134 -47.49 25.16 8.07
CA ILE A 134 -47.94 24.83 9.42
C ILE A 134 -48.13 26.12 10.20
N TYR A 135 -49.26 26.23 10.88
CA TYR A 135 -49.57 27.39 11.70
C TYR A 135 -49.01 27.16 13.10
N GLN A 136 -48.16 28.05 13.56
CA GLN A 136 -47.54 27.85 14.86
C GLN A 136 -48.35 28.63 15.89
N LYS A 137 -49.30 27.94 16.52
CA LYS A 137 -50.03 28.56 17.61
C LYS A 137 -49.23 28.59 18.90
N LEU A 138 -48.09 27.91 18.95
CA LEU A 138 -47.21 27.95 20.10
C LEU A 138 -45.89 28.54 19.62
N GLN A 139 -45.51 29.68 20.19
CA GLN A 139 -44.33 30.43 19.75
C GLN A 139 -43.37 30.59 20.93
N GLN A 140 -42.11 30.20 20.74
CA GLN A 140 -41.09 30.35 21.77
C GLN A 140 -39.88 31.16 21.29
N ASP B 2 -34.07 8.60 32.30
CA ASP B 2 -33.40 7.66 31.40
C ASP B 2 -32.30 8.35 30.61
N TYR B 3 -31.05 8.27 31.06
CA TYR B 3 -30.56 7.59 32.29
C TYR B 3 -31.06 8.08 33.68
N LEU B 4 -31.31 7.12 34.58
CA LEU B 4 -31.95 7.35 35.88
C LEU B 4 -31.06 8.09 36.89
N ASP B 5 -29.74 8.01 36.74
CA ASP B 5 -28.77 8.57 37.70
C ASP B 5 -28.30 9.97 37.34
N ARG B 6 -28.28 10.31 36.05
CA ARG B 6 -28.06 11.69 35.61
C ARG B 6 -29.31 12.54 35.66
N LEU B 7 -30.45 11.97 36.04
CA LEU B 7 -31.66 12.77 36.07
C LEU B 7 -31.86 13.41 37.44
N PRO B 8 -32.56 14.55 37.50
CA PRO B 8 -32.82 15.17 38.80
C PRO B 8 -33.96 14.49 39.54
N LYS B 9 -33.92 14.65 40.85
CA LYS B 9 -34.93 14.06 41.71
C LYS B 9 -35.66 15.11 42.53
N SER B 10 -35.12 16.32 42.65
CA SER B 10 -35.82 17.37 43.34
C SER B 10 -36.95 17.91 42.47
N LYS B 11 -37.98 18.44 43.11
CA LYS B 11 -39.03 19.08 42.35
C LYS B 11 -38.49 20.26 41.55
N LYS B 12 -37.72 21.14 42.21
CA LYS B 12 -37.20 22.31 41.51
C LYS B 12 -36.35 21.88 40.31
N GLY B 13 -35.68 20.73 40.40
CA GLY B 13 -34.82 20.30 39.32
C GLY B 13 -35.60 19.65 38.20
N LEU B 14 -36.69 18.98 38.56
CA LEU B 14 -37.48 18.26 37.58
C LEU B 14 -38.38 19.21 36.80
N GLN B 15 -39.03 20.16 37.48
CA GLN B 15 -39.81 21.17 36.78
C GLN B 15 -38.93 21.97 35.83
N GLY B 16 -37.75 22.38 36.30
CA GLY B 16 -36.86 23.13 35.44
C GLY B 16 -36.49 22.36 34.19
N LEU B 17 -36.35 21.04 34.31
CA LEU B 17 -35.97 20.23 33.15
C LEU B 17 -37.14 20.06 32.20
N LEU B 18 -38.35 19.94 32.74
CA LEU B 18 -39.53 19.81 31.90
C LEU B 18 -39.78 21.11 31.15
N GLN B 19 -39.47 22.24 31.76
CA GLN B 19 -39.70 23.51 31.08
C GLN B 19 -38.77 23.64 29.87
N ASP B 20 -37.51 23.24 30.02
CA ASP B 20 -36.53 23.29 28.93
C ASP B 20 -36.79 22.25 27.85
N ILE B 21 -37.38 21.10 28.18
CA ILE B 21 -37.70 20.10 27.15
C ILE B 21 -38.83 20.62 26.26
N GLU B 22 -39.90 21.13 26.86
CA GLU B 22 -40.97 21.72 26.07
C GLU B 22 -40.42 22.68 25.03
N LYS B 23 -39.62 23.68 25.46
CA LYS B 23 -39.00 24.62 24.52
C LYS B 23 -38.27 23.86 23.43
N ARG B 24 -37.60 22.76 23.79
CA ARG B 24 -36.78 22.07 22.81
C ARG B 24 -37.59 21.22 21.85
N ILE B 25 -38.76 20.73 22.29
CA ILE B 25 -39.63 19.99 21.38
C ILE B 25 -40.19 20.93 20.32
N LEU B 26 -40.63 22.12 20.72
CA LEU B 26 -41.01 23.15 19.75
C LEU B 26 -39.89 23.40 18.75
N HIS B 27 -38.64 23.34 19.20
CA HIS B 27 -37.53 23.61 18.31
C HIS B 27 -37.36 22.48 17.29
N TYR B 28 -37.22 21.26 17.76
CA TYR B 28 -37.07 20.14 16.84
C TYR B 28 -38.36 19.76 16.14
N LYS B 29 -39.50 20.36 16.53
CA LYS B 29 -40.71 20.18 15.74
C LYS B 29 -40.62 20.97 14.44
N GLN B 30 -40.29 22.27 14.54
CA GLN B 30 -40.26 23.10 13.35
C GLN B 30 -39.14 22.65 12.41
N LEU B 31 -38.04 22.11 12.96
CA LEU B 31 -36.97 21.54 12.15
C LEU B 31 -37.41 20.27 11.44
N PHE B 32 -38.40 19.57 12.00
CA PHE B 32 -38.89 18.34 11.38
C PHE B 32 -39.99 18.63 10.36
N PHE B 33 -40.82 19.64 10.62
CA PHE B 33 -41.78 20.08 9.60
C PHE B 33 -41.04 20.65 8.40
N LYS B 34 -40.08 21.53 8.64
CA LYS B 34 -39.32 22.09 7.53
C LYS B 34 -38.52 21.02 6.80
N GLU B 35 -38.03 20.00 7.50
CA GLU B 35 -37.32 18.89 6.83
C GLU B 35 -38.27 18.12 5.93
N GLN B 36 -39.43 17.71 6.47
CA GLN B 36 -40.36 16.90 5.72
C GLN B 36 -40.96 17.64 4.53
N ASN B 37 -41.26 18.93 4.72
CA ASN B 37 -41.79 19.74 3.63
C ASN B 37 -40.78 19.85 2.49
N GLU B 38 -39.51 20.14 2.81
CA GLU B 38 -38.49 20.18 1.78
C GLU B 38 -38.38 18.85 1.06
N ILE B 39 -38.30 17.78 1.83
CA ILE B 39 -38.16 16.45 1.27
C ILE B 39 -39.39 16.19 0.46
N ALA B 40 -40.50 16.68 0.99
CA ALA B 40 -41.80 16.45 0.41
C ALA B 40 -41.91 17.04 -0.99
N ASN B 41 -41.38 18.24 -1.20
CA ASN B 41 -41.65 18.92 -2.45
C ASN B 41 -40.52 19.59 -3.23
N GLY B 42 -39.66 18.81 -3.88
CA GLY B 42 -39.20 17.51 -3.47
C GLY B 42 -37.70 17.59 -3.59
N LYS B 43 -37.00 17.33 -2.50
CA LYS B 43 -35.57 17.50 -2.44
C LYS B 43 -34.89 16.41 -3.21
N ARG B 44 -33.61 16.59 -3.52
CA ARG B 44 -32.84 15.56 -4.21
C ARG B 44 -31.78 14.98 -3.28
N SER B 45 -31.70 13.65 -3.22
CA SER B 45 -30.71 12.95 -2.41
C SER B 45 -29.34 12.99 -3.09
N MET B 46 -28.32 12.52 -2.36
CA MET B 46 -26.95 12.49 -2.87
C MET B 46 -26.72 11.38 -3.88
N VAL B 47 -27.71 10.49 -4.02
CA VAL B 47 -27.62 9.32 -4.90
C VAL B 47 -27.62 9.75 -6.35
N PRO B 48 -26.72 9.16 -7.16
CA PRO B 48 -26.75 9.38 -8.61
C PRO B 48 -27.98 8.74 -9.22
N ASP B 49 -28.45 9.24 -10.37
CA ASP B 49 -29.74 8.79 -10.88
C ASP B 49 -29.69 7.38 -11.42
N ASN B 50 -28.55 6.97 -11.96
CA ASN B 50 -28.48 5.63 -12.54
C ASN B 50 -28.23 4.53 -11.50
N SER B 51 -28.07 4.84 -10.22
CA SER B 51 -27.81 3.78 -9.27
C SER B 51 -29.04 2.88 -9.13
N ILE B 52 -28.79 1.68 -8.65
CA ILE B 52 -29.74 0.59 -8.62
C ILE B 52 -29.61 -0.13 -7.29
N PRO B 53 -30.22 0.44 -6.23
CA PRO B 53 -30.20 -0.21 -4.90
C PRO B 53 -31.19 -1.35 -4.77
N ILE B 54 -30.87 -2.29 -3.88
CA ILE B 54 -31.68 -3.48 -3.60
C ILE B 54 -31.45 -3.78 -2.13
N CYS B 55 -32.44 -3.56 -1.30
CA CYS B 55 -32.27 -3.97 0.09
C CYS B 55 -32.70 -5.42 0.18
N SER B 56 -31.76 -6.30 0.49
CA SER B 56 -32.09 -7.69 0.71
C SER B 56 -30.99 -8.35 1.53
N ASP B 57 -31.34 -9.49 2.11
CA ASP B 57 -30.42 -10.37 2.82
C ASP B 57 -29.95 -11.42 1.81
N VAL B 58 -28.64 -11.49 1.60
CA VAL B 58 -28.06 -12.35 0.56
C VAL B 58 -28.29 -13.83 0.83
N THR B 59 -28.41 -14.21 2.10
CA THR B 59 -28.88 -15.56 2.37
C THR B 59 -30.28 -15.78 1.78
N LYS B 60 -31.24 -14.87 2.08
CA LYS B 60 -32.63 -15.01 1.62
C LYS B 60 -32.83 -14.66 0.15
N LEU B 61 -31.99 -13.81 -0.39
CA LEU B 61 -32.19 -13.34 -1.74
C LEU B 61 -31.97 -14.46 -2.74
N ASN B 62 -32.84 -14.50 -3.76
CA ASN B 62 -32.68 -15.43 -4.88
C ASN B 62 -31.81 -14.74 -5.92
N PHE B 63 -30.61 -15.26 -6.14
CA PHE B 63 -29.75 -14.67 -7.15
C PHE B 63 -30.28 -14.87 -8.56
N GLN B 64 -31.10 -15.91 -8.78
CA GLN B 64 -31.61 -16.16 -10.11
C GLN B 64 -32.53 -15.04 -10.57
N ALA B 65 -33.31 -14.46 -9.67
CA ALA B 65 -34.12 -13.29 -10.04
C ALA B 65 -33.23 -12.17 -10.60
N LEU B 66 -32.03 -12.00 -10.06
CA LEU B 66 -31.11 -11.03 -10.62
C LEU B 66 -30.54 -11.52 -11.94
N ILE B 67 -30.14 -12.79 -11.97
CA ILE B 67 -29.54 -13.38 -13.16
C ILE B 67 -30.45 -13.21 -14.36
N ASP B 68 -31.74 -13.53 -14.19
CA ASP B 68 -32.66 -13.46 -15.31
C ASP B 68 -32.93 -12.01 -15.72
N ALA B 69 -33.20 -11.11 -14.74
CA ALA B 69 -33.45 -9.69 -15.04
C ALA B 69 -32.20 -9.02 -15.54
N GLN B 70 -31.05 -9.62 -15.26
CA GLN B 70 -29.78 -9.15 -15.77
C GLN B 70 -29.66 -9.42 -17.27
N MET B 71 -29.79 -10.70 -17.64
CA MET B 71 -29.77 -11.08 -19.05
C MET B 71 -30.85 -10.35 -19.82
N ARG B 72 -32.02 -10.20 -19.21
CA ARG B 72 -33.14 -9.55 -19.89
C ARG B 72 -32.78 -8.15 -20.37
N HIS B 73 -31.91 -7.43 -19.65
CA HIS B 73 -31.68 -6.00 -19.87
C HIS B 73 -30.25 -5.67 -20.34
N ALA B 74 -29.22 -6.25 -19.70
CA ALA B 74 -27.84 -5.95 -20.09
C ALA B 74 -27.42 -6.81 -21.31
N GLY B 75 -28.06 -7.98 -21.46
CA GLY B 75 -27.66 -8.98 -22.43
C GLY B 75 -26.36 -9.69 -22.09
N LYS B 76 -25.80 -9.47 -20.90
CA LYS B 76 -24.55 -10.11 -20.48
C LYS B 76 -24.44 -10.17 -18.95
N MET B 77 -23.62 -11.10 -18.45
CA MET B 77 -23.38 -11.04 -17.01
C MET B 77 -22.34 -9.95 -16.71
N PHE B 78 -22.01 -9.84 -15.42
CA PHE B 78 -21.26 -8.67 -14.95
C PHE B 78 -19.80 -8.69 -15.41
N ASP B 79 -19.22 -7.49 -15.42
CA ASP B 79 -17.81 -7.29 -15.72
C ASP B 79 -16.96 -7.22 -14.46
N VAL B 80 -17.44 -6.56 -13.40
CA VAL B 80 -16.68 -6.41 -12.17
C VAL B 80 -17.61 -6.51 -10.95
N ILE B 81 -17.20 -7.31 -9.97
CA ILE B 81 -17.96 -7.57 -8.74
C ILE B 81 -17.10 -7.20 -7.54
N MET B 82 -17.64 -6.37 -6.62
CA MET B 82 -16.90 -5.97 -5.42
C MET B 82 -17.67 -6.27 -4.13
N MET B 83 -16.91 -6.64 -3.10
CA MET B 83 -17.43 -7.21 -1.86
C MET B 83 -16.70 -6.61 -0.67
N ASP B 84 -17.34 -6.65 0.49
CA ASP B 84 -16.72 -6.24 1.76
C ASP B 84 -17.39 -7.05 2.80
N PRO B 85 -17.18 -8.36 2.79
CA PRO B 85 -17.92 -9.29 3.60
C PRO B 85 -17.90 -8.90 5.05
N PRO B 86 -19.06 -9.00 5.72
CA PRO B 86 -19.13 -8.70 7.17
C PRO B 86 -18.61 -9.86 7.97
N TRP B 87 -17.31 -9.92 8.09
CA TRP B 87 -16.67 -11.09 8.65
C TRP B 87 -17.06 -11.23 10.11
N GLN B 88 -16.93 -12.45 10.61
CA GLN B 88 -17.32 -12.71 11.98
C GLN B 88 -16.12 -12.99 12.88
N ASP B 103 -25.64 -7.79 10.89
CA ASP B 103 -24.37 -7.16 11.20
C ASP B 103 -23.18 -8.00 10.80
N SER B 104 -23.23 -9.29 11.05
CA SER B 104 -22.14 -10.19 10.70
C SER B 104 -22.69 -11.45 10.06
N LEU B 105 -21.94 -12.04 9.16
CA LEU B 105 -22.36 -13.25 8.49
C LEU B 105 -21.34 -14.34 8.69
N SER B 106 -21.82 -15.55 8.93
CA SER B 106 -20.91 -16.63 9.25
C SER B 106 -20.01 -16.79 8.06
N ASP B 107 -18.75 -17.08 8.34
CA ASP B 107 -17.71 -17.00 7.34
C ASP B 107 -18.15 -17.91 6.22
N GLU B 108 -18.76 -19.02 6.59
CA GLU B 108 -19.28 -19.99 5.64
C GLU B 108 -20.40 -19.45 4.77
N LYS B 109 -21.30 -18.68 5.34
CA LYS B 109 -22.51 -18.26 4.62
C LYS B 109 -22.17 -17.52 3.36
N ILE B 110 -21.32 -16.51 3.51
CA ILE B 110 -20.78 -15.76 2.41
C ILE B 110 -20.04 -16.68 1.47
N GLN B 111 -19.35 -17.67 2.01
CA GLN B 111 -18.60 -18.58 1.17
C GLN B 111 -19.58 -19.27 0.26
N ASN B 112 -20.73 -19.62 0.82
CA ASN B 112 -21.74 -20.39 0.11
C ASN B 112 -22.39 -19.63 -1.02
N MET B 113 -22.23 -18.31 -1.03
CA MET B 113 -22.97 -17.48 -1.95
C MET B 113 -22.67 -17.89 -3.37
N PRO B 114 -23.76 -17.87 -4.25
CA PRO B 114 -23.44 -18.34 -5.59
C PRO B 114 -22.93 -17.19 -6.41
N ILE B 115 -21.63 -16.99 -6.33
CA ILE B 115 -21.00 -15.98 -7.14
C ILE B 115 -20.38 -16.59 -8.39
N GLN B 116 -20.42 -17.91 -8.53
CA GLN B 116 -20.05 -18.47 -9.83
C GLN B 116 -21.12 -18.20 -10.87
N SER B 117 -22.40 -18.24 -10.47
CA SER B 117 -23.48 -17.97 -11.41
C SER B 117 -23.38 -16.57 -11.98
N LEU B 118 -22.85 -15.63 -11.20
CA LEU B 118 -23.19 -14.23 -11.42
C LEU B 118 -22.32 -13.56 -12.46
N GLN B 119 -21.16 -14.12 -12.73
CA GLN B 119 -20.27 -13.50 -13.70
C GLN B 119 -19.48 -14.54 -14.48
N GLN B 120 -19.68 -14.50 -15.81
CA GLN B 120 -18.95 -15.31 -16.78
C GLN B 120 -17.50 -14.98 -17.09
N ASP B 121 -17.23 -13.71 -17.33
CA ASP B 121 -15.92 -13.23 -17.75
C ASP B 121 -15.75 -11.82 -17.23
N GLY B 122 -14.74 -11.63 -16.39
CA GLY B 122 -14.47 -10.34 -15.75
C GLY B 122 -13.62 -10.49 -14.49
N PHE B 123 -13.75 -9.53 -13.56
CA PHE B 123 -12.92 -9.41 -12.35
C PHE B 123 -13.76 -9.56 -11.08
N ILE B 124 -13.12 -9.68 -9.92
CA ILE B 124 -13.67 -9.58 -8.57
C ILE B 124 -12.81 -8.56 -7.80
N PHE B 125 -13.38 -7.97 -6.72
CA PHE B 125 -12.70 -7.12 -5.74
C PHE B 125 -13.28 -7.47 -4.38
N VAL B 126 -12.51 -8.13 -3.55
CA VAL B 126 -12.97 -8.54 -2.24
C VAL B 126 -12.11 -7.85 -1.22
N TRP B 127 -12.75 -7.22 -0.25
CA TRP B 127 -12.02 -6.60 0.82
C TRP B 127 -11.77 -7.58 1.94
N ALA B 128 -10.54 -7.57 2.43
CA ALA B 128 -10.13 -8.54 3.43
C ALA B 128 -9.35 -7.82 4.50
N ILE B 129 -9.69 -8.11 5.75
CA ILE B 129 -8.88 -7.70 6.89
C ILE B 129 -7.81 -8.76 7.08
N ASN B 130 -6.74 -8.40 7.80
CA ASN B 130 -5.61 -9.30 7.99
C ASN B 130 -6.04 -10.67 8.53
N ALA B 131 -7.09 -10.71 9.35
CA ALA B 131 -7.56 -11.95 9.95
C ALA B 131 -8.21 -12.89 8.95
N LYS B 132 -8.86 -12.36 7.92
CA LYS B 132 -9.52 -13.20 6.94
C LYS B 132 -8.85 -13.03 5.57
N TYR B 133 -7.55 -12.72 5.58
CA TYR B 133 -6.83 -12.50 4.33
C TYR B 133 -6.68 -13.80 3.55
N ARG B 134 -6.07 -14.80 4.18
CA ARG B 134 -5.96 -16.11 3.55
C ARG B 134 -7.34 -16.67 3.17
N VAL B 135 -8.36 -16.44 3.99
CA VAL B 135 -9.66 -17.06 3.72
C VAL B 135 -10.20 -16.60 2.40
N THR B 136 -10.04 -15.31 2.10
CA THR B 136 -10.58 -14.77 0.85
C THR B 136 -9.99 -15.48 -0.36
N ILE B 137 -8.66 -15.62 -0.40
CA ILE B 137 -8.02 -16.29 -1.51
C ILE B 137 -8.70 -17.62 -1.82
N LYS B 138 -8.84 -18.50 -0.83
CA LYS B 138 -9.44 -19.78 -1.17
C LYS B 138 -10.95 -19.70 -1.29
N MET B 139 -11.55 -18.63 -0.76
CA MET B 139 -12.97 -18.38 -0.99
C MET B 139 -13.26 -18.11 -2.46
N ILE B 140 -12.42 -17.30 -3.11
CA ILE B 140 -12.63 -16.92 -4.49
C ILE B 140 -11.94 -17.85 -5.50
N GLU B 141 -10.92 -18.60 -5.07
CA GLU B 141 -10.46 -19.71 -5.91
C GLU B 141 -11.53 -20.76 -6.03
N ASN B 142 -12.37 -20.86 -5.00
CA ASN B 142 -13.57 -21.67 -5.12
C ASN B 142 -14.48 -21.09 -6.15
N TRP B 143 -14.63 -19.76 -6.14
CA TRP B 143 -15.52 -19.13 -7.10
C TRP B 143 -14.98 -19.21 -8.51
N GLY B 144 -13.93 -19.98 -8.74
CA GLY B 144 -13.33 -20.09 -10.05
C GLY B 144 -12.39 -18.97 -10.44
N TYR B 145 -12.30 -17.91 -9.63
CA TYR B 145 -11.40 -16.81 -9.95
C TYR B 145 -9.97 -17.23 -9.78
N LYS B 146 -9.13 -16.64 -10.63
CA LYS B 146 -7.68 -16.75 -10.58
C LYS B 146 -7.12 -15.51 -9.90
N LEU B 147 -6.45 -15.71 -8.75
CA LEU B 147 -5.87 -14.59 -8.02
C LEU B 147 -4.86 -13.88 -8.88
N VAL B 148 -4.93 -12.55 -8.90
CA VAL B 148 -4.06 -11.77 -9.75
C VAL B 148 -3.31 -10.76 -8.90
N ASP B 149 -4.04 -9.80 -8.35
CA ASP B 149 -3.46 -8.54 -7.88
C ASP B 149 -4.08 -8.13 -6.56
N GLU B 150 -3.37 -7.27 -5.82
CA GLU B 150 -3.82 -6.74 -4.53
C GLU B 150 -3.71 -5.22 -4.53
N ILE B 151 -4.84 -4.56 -4.25
CA ILE B 151 -4.90 -3.11 -4.06
C ILE B 151 -4.80 -2.86 -2.57
N THR B 152 -3.88 -2.00 -2.17
CA THR B 152 -3.63 -1.77 -0.76
C THR B 152 -4.03 -0.34 -0.41
N TRP B 153 -4.82 -0.22 0.65
CA TRP B 153 -5.37 1.04 1.11
C TRP B 153 -4.67 1.45 2.39
N VAL B 154 -4.18 2.69 2.41
CA VAL B 154 -3.48 3.23 3.57
C VAL B 154 -4.34 4.33 4.16
N LYS B 155 -4.68 4.19 5.43
CA LYS B 155 -5.52 5.18 6.10
C LYS B 155 -4.73 6.35 6.67
N ALA B 173 -2.10 1.99 9.35
CA ALA B 173 -3.34 1.25 9.15
C ALA B 173 -3.51 0.81 7.70
N LYS B 174 -3.78 -0.49 7.55
CA LYS B 174 -3.81 -1.14 6.25
C LYS B 174 -5.13 -1.90 6.08
N GLU B 175 -5.68 -1.87 4.87
CA GLU B 175 -6.66 -2.87 4.47
C GLU B 175 -6.40 -3.23 3.03
N SER B 176 -6.49 -4.50 2.72
CA SER B 176 -6.15 -5.05 1.41
C SER B 176 -7.42 -5.38 0.63
N CYS B 177 -7.47 -5.00 -0.65
CA CYS B 177 -8.53 -5.41 -1.57
C CYS B 177 -7.95 -6.41 -2.55
N LEU B 178 -8.40 -7.66 -2.49
CA LEU B 178 -7.90 -8.75 -3.34
C LEU B 178 -8.63 -8.82 -4.66
N ILE B 179 -7.89 -9.04 -5.74
CA ILE B 179 -8.49 -9.07 -7.08
C ILE B 179 -8.32 -10.46 -7.67
N GLY B 180 -9.29 -10.85 -8.48
CA GLY B 180 -9.25 -12.13 -9.18
C GLY B 180 -9.85 -11.94 -10.55
N VAL B 181 -9.75 -12.99 -11.37
CA VAL B 181 -10.26 -12.98 -12.73
C VAL B 181 -10.54 -14.40 -13.20
N LYS B 182 -11.63 -14.54 -13.93
CA LYS B 182 -12.03 -15.79 -14.54
C LYS B 182 -12.24 -15.57 -16.01
N GLY B 183 -12.29 -16.66 -16.76
CA GLY B 183 -12.59 -16.58 -18.17
C GLY B 183 -11.64 -15.70 -18.91
N ASP B 184 -12.22 -14.87 -19.78
CA ASP B 184 -11.51 -14.09 -20.79
C ASP B 184 -11.66 -12.60 -20.47
N VAL B 185 -10.55 -11.94 -20.18
CA VAL B 185 -10.45 -10.49 -20.17
C VAL B 185 -9.65 -10.02 -21.36
N ASP B 186 -9.24 -10.95 -22.23
CA ASP B 186 -8.58 -10.60 -23.49
C ASP B 186 -9.38 -9.58 -24.29
N ASN B 187 -10.71 -9.57 -24.18
CA ASN B 187 -11.55 -8.66 -24.98
C ASN B 187 -11.07 -7.22 -24.82
N GLY B 188 -11.36 -6.39 -25.82
CA GLY B 188 -10.94 -4.99 -25.79
C GLY B 188 -11.61 -4.16 -24.73
N ARG B 189 -12.67 -4.71 -24.17
CA ARG B 189 -13.51 -4.11 -23.14
C ARG B 189 -12.64 -3.61 -22.04
N PHE B 190 -11.88 -4.52 -21.49
CA PHE B 190 -10.97 -4.26 -20.39
C PHE B 190 -9.69 -3.58 -20.86
N LYS B 191 -9.10 -2.82 -19.94
CA LYS B 191 -7.90 -2.06 -20.20
C LYS B 191 -6.80 -2.55 -19.27
N LYS B 192 -5.74 -3.12 -19.87
CA LYS B 192 -4.75 -3.85 -19.07
C LYS B 192 -3.97 -2.92 -18.14
N ASN B 193 -3.59 -1.77 -18.67
CA ASN B 193 -2.80 -0.82 -17.92
C ASN B 193 -3.73 0.04 -17.11
N ILE B 194 -4.28 -0.55 -16.07
CA ILE B 194 -5.19 0.12 -15.16
C ILE B 194 -4.37 0.99 -14.21
N ALA B 195 -5.06 1.81 -13.44
CA ALA B 195 -4.40 2.74 -12.56
C ALA B 195 -3.66 2.06 -11.41
N SER B 196 -2.72 2.82 -10.86
CA SER B 196 -1.74 2.43 -9.87
C SER B 196 -2.45 1.77 -8.70
N ASP B 197 -1.90 0.65 -8.26
CA ASP B 197 -2.59 -0.19 -7.31
C ASP B 197 -2.81 0.49 -5.96
N VAL B 198 -1.78 1.16 -5.42
CA VAL B 198 -1.90 1.84 -4.12
C VAL B 198 -3.02 2.88 -4.12
N ILE B 199 -3.59 3.15 -2.95
CA ILE B 199 -4.73 4.07 -2.79
C ILE B 199 -4.69 4.64 -1.38
N PHE B 200 -5.27 5.84 -1.20
CA PHE B 200 -5.21 6.57 0.06
C PHE B 200 -6.60 6.97 0.55
N SER B 201 -6.67 7.33 1.83
CA SER B 201 -7.92 7.77 2.41
C SER B 201 -8.26 9.19 1.92
N GLU B 202 -9.51 9.39 1.50
CA GLU B 202 -9.96 10.72 1.10
C GLU B 202 -9.97 11.68 2.28
N ARG B 203 -10.19 11.17 3.50
CA ARG B 203 -10.23 11.95 4.72
C ARG B 203 -9.39 11.27 5.80
N ARG B 204 -9.11 12.00 6.88
CA ARG B 204 -8.26 11.45 7.91
C ARG B 204 -9.01 10.92 9.11
N GLY B 205 -8.64 9.70 9.51
CA GLY B 205 -9.39 8.81 10.37
C GLY B 205 -10.73 8.34 9.81
N GLN B 206 -10.75 7.85 8.57
CA GLN B 206 -11.95 7.43 7.84
C GLN B 206 -12.12 5.91 7.87
N SER B 207 -13.39 5.45 7.86
CA SER B 207 -13.76 4.04 7.95
C SER B 207 -14.49 3.48 6.72
N GLN B 208 -15.27 4.30 6.02
CA GLN B 208 -15.85 3.88 4.76
C GLN B 208 -14.77 3.69 3.72
N LYS B 209 -15.04 2.79 2.80
CA LYS B 209 -14.10 2.53 1.71
C LYS B 209 -13.95 3.76 0.81
N PRO B 210 -12.76 3.99 0.25
CA PRO B 210 -12.52 5.21 -0.54
C PRO B 210 -13.06 5.14 -1.96
N GLU B 211 -13.43 6.32 -2.48
CA GLU B 211 -14.10 6.40 -3.78
C GLU B 211 -13.18 6.09 -4.95
N GLU B 212 -11.88 6.29 -4.78
CA GLU B 212 -10.96 6.17 -5.92
C GLU B 212 -11.10 4.81 -6.59
N ILE B 213 -11.34 3.76 -5.79
CA ILE B 213 -11.49 2.42 -6.34
C ILE B 213 -12.61 2.36 -7.37
N TYR B 214 -13.62 3.22 -7.27
CA TYR B 214 -14.67 3.20 -8.28
C TYR B 214 -14.20 3.82 -9.58
N GLN B 215 -13.08 4.53 -9.58
CA GLN B 215 -12.47 4.99 -10.81
C GLN B 215 -11.42 4.05 -11.34
N TYR B 216 -10.67 3.39 -10.45
CA TYR B 216 -9.89 2.24 -10.89
C TYR B 216 -10.74 1.33 -11.75
N ILE B 217 -11.92 0.94 -11.25
CA ILE B 217 -12.85 0.20 -12.11
C ILE B 217 -13.13 1.01 -13.39
N ASN B 218 -13.36 2.32 -13.26
CA ASN B 218 -13.81 3.09 -14.41
C ASN B 218 -12.73 3.14 -15.49
N GLN B 219 -11.46 3.16 -15.07
CA GLN B 219 -10.37 2.96 -16.02
C GLN B 219 -10.35 1.53 -16.53
N LEU B 220 -10.64 0.56 -15.67
CA LEU B 220 -10.57 -0.83 -16.11
C LEU B 220 -11.76 -1.22 -16.98
N CYS B 221 -12.95 -0.72 -16.65
CA CYS B 221 -14.17 -0.90 -17.45
C CYS B 221 -14.91 0.43 -17.39
N PRO B 222 -14.95 1.15 -18.50
CA PRO B 222 -15.77 2.36 -18.53
C PRO B 222 -17.18 2.05 -18.98
N ASN B 223 -18.18 2.55 -18.25
CA ASN B 223 -19.58 2.20 -18.50
C ASN B 223 -19.75 0.69 -18.71
N GLY B 224 -19.20 -0.07 -17.77
CA GLY B 224 -19.46 -1.50 -17.68
C GLY B 224 -20.42 -1.72 -16.54
N ASN B 225 -21.31 -2.70 -16.67
CA ASN B 225 -22.20 -2.99 -15.56
C ASN B 225 -21.40 -3.64 -14.43
N TYR B 226 -21.67 -3.21 -13.19
CA TYR B 226 -20.93 -3.68 -12.03
C TYR B 226 -21.87 -3.99 -10.87
N LEU B 227 -21.54 -5.03 -10.13
CA LEU B 227 -22.27 -5.46 -8.94
C LEU B 227 -21.49 -5.15 -7.69
N GLU B 228 -22.18 -4.65 -6.67
CA GLU B 228 -21.58 -4.55 -5.34
C GLU B 228 -22.46 -5.31 -4.37
N ILE B 229 -21.85 -6.25 -3.66
CA ILE B 229 -22.51 -6.96 -2.59
C ILE B 229 -21.94 -6.42 -1.27
N PHE B 230 -22.83 -6.35 -0.27
CA PHE B 230 -22.60 -5.70 1.02
C PHE B 230 -22.44 -4.20 0.87
N ALA B 231 -23.30 -3.64 0.03
CA ALA B 231 -23.19 -2.24 -0.34
C ALA B 231 -23.72 -1.36 0.76
N ARG B 232 -23.43 -0.08 0.63
CA ARG B 232 -23.94 0.88 1.57
C ARG B 232 -24.26 2.17 0.84
N ARG B 233 -25.17 2.94 1.41
CA ARG B 233 -25.75 4.05 0.67
C ARG B 233 -24.66 4.95 0.10
N ASN B 234 -23.56 5.14 0.85
CA ASN B 234 -22.38 5.86 0.36
C ASN B 234 -21.55 5.06 -0.64
N ASN B 235 -21.86 3.79 -0.86
CA ASN B 235 -21.33 3.01 -1.97
C ASN B 235 -22.21 3.10 -3.20
N LEU B 236 -23.24 3.92 -3.16
CA LEU B 236 -24.13 4.03 -4.31
C LEU B 236 -23.49 4.94 -5.34
N HIS B 237 -22.98 4.34 -6.40
CA HIS B 237 -22.54 5.08 -7.56
C HIS B 237 -23.33 4.57 -8.76
N ASP B 238 -23.47 5.43 -9.77
CA ASP B 238 -24.28 5.06 -10.92
C ASP B 238 -23.52 4.04 -11.76
N ASN B 239 -24.25 3.28 -12.57
CA ASN B 239 -23.80 2.14 -13.37
C ASN B 239 -23.66 0.90 -12.52
N TRP B 240 -24.00 0.96 -11.23
CA TRP B 240 -23.70 -0.08 -10.26
C TRP B 240 -24.94 -0.67 -9.64
N VAL B 241 -25.10 -1.97 -9.80
CA VAL B 241 -26.11 -2.71 -9.04
C VAL B 241 -25.55 -2.94 -7.64
N SER B 242 -26.19 -2.38 -6.62
CA SER B 242 -25.73 -2.50 -5.24
C SER B 242 -26.76 -3.26 -4.41
N ILE B 243 -26.33 -4.37 -3.80
CA ILE B 243 -27.14 -5.21 -2.93
C ILE B 243 -26.62 -5.09 -1.51
N GLY B 244 -27.50 -4.75 -0.57
CA GLY B 244 -27.10 -4.59 0.81
C GLY B 244 -28.28 -4.60 1.75
N ASN B 245 -28.11 -5.14 2.96
CA ASN B 245 -29.26 -5.12 3.85
C ASN B 245 -29.57 -3.72 4.37
N GLU B 246 -28.65 -2.77 4.16
CA GLU B 246 -28.71 -1.45 4.74
C GLU B 246 -28.98 -0.38 3.69
N LEU B 247 -29.29 -0.78 2.47
CA LEU B 247 -29.69 0.14 1.42
C LEU B 247 -31.11 0.62 1.63
N ASP C 1 32.11 10.88 -32.22
CA ASP C 1 30.92 10.35 -32.92
C ASP C 1 30.95 10.55 -34.46
N ASP C 2 31.17 9.48 -35.22
CA ASP C 2 31.09 9.68 -36.66
C ASP C 2 29.72 10.25 -37.03
N TYR C 3 28.61 9.59 -36.66
CA TYR C 3 27.30 10.14 -36.96
C TYR C 3 26.54 10.77 -35.80
N LEU C 4 26.83 10.46 -34.52
CA LEU C 4 26.22 11.23 -33.46
C LEU C 4 26.80 12.65 -33.41
N ASP C 5 28.05 12.81 -33.88
CA ASP C 5 28.81 14.09 -33.88
C ASP C 5 28.64 14.91 -32.57
N ARG C 6 28.50 14.25 -31.43
CA ARG C 6 28.31 14.98 -30.18
C ARG C 6 29.57 15.71 -29.72
N LEU C 7 30.72 15.32 -30.22
CA LEU C 7 31.93 16.07 -29.92
C LEU C 7 32.05 17.21 -30.92
N PRO C 8 32.91 18.18 -30.66
CA PRO C 8 33.13 19.21 -31.67
C PRO C 8 34.09 18.73 -32.75
N LYS C 9 33.97 19.34 -33.93
CA LYS C 9 34.95 19.15 -35.00
C LYS C 9 35.95 20.30 -35.11
N SER C 10 35.62 21.48 -34.57
CA SER C 10 36.61 22.55 -34.42
C SER C 10 37.88 22.03 -33.77
N LYS C 11 38.99 22.02 -34.51
CA LYS C 11 40.27 21.76 -33.85
C LYS C 11 40.39 22.63 -32.60
N LYS C 12 40.06 23.92 -32.73
CA LYS C 12 39.95 24.81 -31.58
C LYS C 12 39.10 24.19 -30.46
N GLY C 13 38.09 23.41 -30.84
CA GLY C 13 37.19 22.86 -29.83
C GLY C 13 37.61 21.48 -29.37
N LEU C 14 38.20 20.70 -30.27
CA LEU C 14 38.86 19.48 -29.82
C LEU C 14 40.00 19.81 -28.87
N GLN C 15 40.86 20.77 -29.20
CA GLN C 15 41.97 21.07 -28.29
C GLN C 15 41.46 21.48 -26.92
N GLY C 16 40.52 22.42 -26.88
CA GLY C 16 39.93 22.84 -25.62
C GLY C 16 39.34 21.69 -24.82
N LEU C 17 38.70 20.73 -25.50
CA LEU C 17 38.14 19.58 -24.78
C LEU C 17 39.23 18.76 -24.14
N LEU C 18 40.26 18.44 -24.92
CA LEU C 18 41.45 17.79 -24.38
C LEU C 18 41.98 18.52 -23.18
N GLN C 19 42.19 19.82 -23.30
CA GLN C 19 42.62 20.58 -22.14
C GLN C 19 41.66 20.35 -20.99
N ASP C 20 40.35 20.38 -21.28
CA ASP C 20 39.34 20.14 -20.25
C ASP C 20 39.36 18.72 -19.72
N ILE C 21 39.73 17.76 -20.55
CA ILE C 21 39.79 16.37 -20.09
C ILE C 21 41.04 16.13 -19.25
N GLU C 22 42.20 16.62 -19.69
CA GLU C 22 43.38 16.34 -18.89
C GLU C 22 43.31 17.05 -17.55
N LYS C 23 42.65 18.21 -17.50
CA LYS C 23 42.45 18.85 -16.20
C LYS C 23 41.66 17.94 -15.27
N ARG C 24 40.67 17.20 -15.83
CA ARG C 24 39.72 16.40 -15.04
C ARG C 24 40.29 15.07 -14.61
N ILE C 25 41.15 14.50 -15.46
CA ILE C 25 41.90 13.31 -15.09
C ILE C 25 42.77 13.59 -13.88
N LEU C 26 43.51 14.71 -13.92
CA LEU C 26 44.25 15.10 -12.74
C LEU C 26 43.34 15.16 -11.51
N HIS C 27 42.08 15.56 -11.68
CA HIS C 27 41.20 15.71 -10.52
C HIS C 27 40.87 14.36 -9.89
N TYR C 28 40.41 13.42 -10.71
CA TYR C 28 40.02 12.09 -10.21
C TYR C 28 41.24 11.22 -9.95
N LYS C 29 42.34 11.47 -10.66
CA LYS C 29 43.57 10.75 -10.36
C LYS C 29 43.93 10.91 -8.90
N GLN C 30 43.85 12.12 -8.39
CA GLN C 30 44.12 12.36 -6.98
C GLN C 30 43.01 11.78 -6.11
N LEU C 31 41.75 12.06 -6.45
CA LEU C 31 40.65 11.43 -5.73
C LEU C 31 40.79 9.91 -5.71
N PHE C 32 41.38 9.33 -6.75
CA PHE C 32 41.53 7.88 -6.82
C PHE C 32 42.66 7.38 -5.94
N PHE C 33 43.78 8.10 -5.94
CA PHE C 33 44.88 7.79 -5.03
C PHE C 33 44.45 7.95 -3.59
N LYS C 34 43.78 9.06 -3.27
CA LYS C 34 43.23 9.26 -1.93
C LYS C 34 42.32 8.08 -1.55
N GLU C 35 41.35 7.75 -2.42
CA GLU C 35 40.48 6.61 -2.12
C GLU C 35 41.27 5.34 -1.90
N GLN C 36 42.27 5.08 -2.74
CA GLN C 36 43.03 3.84 -2.63
C GLN C 36 43.99 3.87 -1.46
N ASN C 37 44.68 4.98 -1.25
CA ASN C 37 45.58 5.08 -0.10
C ASN C 37 44.81 5.07 1.21
N GLU C 38 43.66 5.76 1.28
CA GLU C 38 42.85 5.69 2.52
C GLU C 38 42.45 4.27 2.82
N ILE C 39 42.23 3.46 1.79
CA ILE C 39 41.93 2.05 1.99
C ILE C 39 43.15 1.33 2.56
N ALA C 40 44.33 1.65 2.03
CA ALA C 40 45.54 1.01 2.50
C ALA C 40 45.73 1.21 4.01
N ASN C 41 45.49 2.44 4.51
CA ASN C 41 45.53 2.68 5.96
C ASN C 41 44.54 1.79 6.69
N GLY C 42 43.43 1.43 6.07
CA GLY C 42 42.32 0.83 6.78
C GLY C 42 41.23 1.85 7.05
N LYS C 43 40.20 1.83 6.22
CA LYS C 43 39.07 2.74 6.36
C LYS C 43 37.87 1.87 6.63
N ARG C 44 37.07 2.25 7.62
CA ARG C 44 35.93 1.43 7.96
C ARG C 44 34.91 1.40 6.83
N SER C 45 34.53 0.19 6.43
CA SER C 45 33.48 -0.03 5.46
C SER C 45 32.13 0.42 6.02
N MET C 46 31.13 0.48 5.15
CA MET C 46 29.76 0.74 5.60
C MET C 46 29.04 -0.52 6.06
N VAL C 47 29.65 -1.68 5.85
CA VAL C 47 29.14 -2.94 6.40
C VAL C 47 29.46 -2.98 7.89
N PRO C 48 28.50 -3.31 8.73
CA PRO C 48 28.80 -3.49 10.15
C PRO C 48 29.61 -4.76 10.36
N ASP C 49 30.41 -4.74 11.43
CA ASP C 49 31.50 -5.69 11.59
C ASP C 49 31.01 -7.09 11.97
N ASN C 50 29.74 -7.24 12.29
CA ASN C 50 29.22 -8.57 12.57
C ASN C 50 28.32 -9.08 11.45
N SER C 51 28.44 -8.52 10.25
CA SER C 51 27.63 -9.07 9.18
C SER C 51 28.30 -10.30 8.60
N ILE C 52 27.49 -11.19 8.06
CA ILE C 52 28.06 -12.43 7.52
C ILE C 52 27.73 -12.56 6.04
N PRO C 53 28.41 -11.82 5.17
CA PRO C 53 28.07 -11.88 3.75
C PRO C 53 28.71 -13.05 3.03
N ILE C 54 27.97 -13.65 2.09
CA ILE C 54 28.38 -14.87 1.38
C ILE C 54 28.07 -14.68 -0.12
N CYS C 55 29.09 -14.35 -0.92
CA CYS C 55 28.88 -14.05 -2.35
C CYS C 55 28.86 -15.36 -3.15
N SER C 56 27.77 -16.09 -2.93
CA SER C 56 27.50 -17.38 -3.54
C SER C 56 26.26 -17.31 -4.44
N ASP C 57 26.39 -17.82 -5.67
CA ASP C 57 25.22 -18.18 -6.46
C ASP C 57 24.38 -19.17 -5.67
N VAL C 58 23.07 -18.90 -5.59
CA VAL C 58 22.19 -19.65 -4.70
C VAL C 58 21.86 -21.02 -5.27
N THR C 59 21.88 -21.15 -6.60
CA THR C 59 21.70 -22.46 -7.21
C THR C 59 22.88 -23.37 -6.88
N LYS C 60 24.10 -22.83 -6.98
CA LYS C 60 25.30 -23.62 -6.73
C LYS C 60 25.47 -23.98 -5.25
N LEU C 61 25.22 -23.04 -4.38
CA LEU C 61 25.60 -23.21 -2.99
C LEU C 61 25.08 -24.43 -2.30
N ASN C 62 25.91 -25.04 -1.46
CA ASN C 62 25.51 -26.16 -0.61
C ASN C 62 25.11 -25.61 0.76
N PHE C 63 23.80 -25.54 1.02
CA PHE C 63 23.35 -25.18 2.35
C PHE C 63 23.82 -26.20 3.37
N GLN C 64 23.82 -27.49 2.98
CA GLN C 64 24.35 -28.48 3.91
C GLN C 64 25.67 -28.02 4.48
N ALA C 65 26.50 -27.38 3.65
CA ALA C 65 27.73 -26.77 4.17
C ALA C 65 27.42 -25.69 5.21
N LEU C 66 26.37 -24.91 4.98
CA LEU C 66 26.02 -23.80 5.89
C LEU C 66 25.38 -24.30 7.17
N ILE C 67 24.38 -25.18 7.05
CA ILE C 67 23.68 -25.68 8.23
C ILE C 67 24.68 -26.27 9.21
N ASP C 68 25.50 -27.22 8.73
CA ASP C 68 26.49 -27.90 9.58
C ASP C 68 27.39 -26.92 10.29
N ALA C 69 27.81 -25.86 9.58
CA ALA C 69 28.58 -24.81 10.22
C ALA C 69 27.69 -23.93 11.08
N GLN C 70 26.42 -23.75 10.70
CA GLN C 70 25.52 -22.92 11.49
C GLN C 70 25.24 -23.56 12.83
N MET C 71 24.85 -24.83 12.82
CA MET C 71 24.50 -25.51 14.04
C MET C 71 25.62 -25.45 15.06
N ARG C 72 26.86 -25.78 14.67
CA ARG C 72 27.92 -25.82 15.67
C ARG C 72 28.25 -24.44 16.23
N HIS C 73 28.10 -23.38 15.42
CA HIS C 73 28.53 -22.07 15.89
C HIS C 73 27.46 -21.37 16.70
N ALA C 74 26.19 -21.59 16.39
CA ALA C 74 25.11 -20.97 17.13
C ALA C 74 24.32 -21.94 17.98
N GLY C 75 24.55 -23.25 17.81
CA GLY C 75 23.80 -24.25 18.53
C GLY C 75 22.33 -24.34 18.18
N LYS C 76 21.87 -23.69 17.13
CA LYS C 76 20.43 -23.57 16.88
C LYS C 76 20.20 -22.95 15.52
N MET C 77 19.14 -23.38 14.84
CA MET C 77 18.93 -22.86 13.50
C MET C 77 18.50 -21.39 13.56
N PHE C 78 18.07 -20.85 12.41
CA PHE C 78 17.73 -19.44 12.31
C PHE C 78 16.36 -19.18 12.89
N ASP C 79 16.20 -17.98 13.42
CA ASP C 79 14.93 -17.58 13.98
C ASP C 79 14.09 -16.82 12.96
N VAL C 80 14.73 -16.13 12.02
CA VAL C 80 14.02 -15.31 11.05
C VAL C 80 14.74 -15.36 9.71
N ILE C 81 14.00 -15.74 8.68
CA ILE C 81 14.51 -15.88 7.33
C ILE C 81 13.73 -14.94 6.44
N MET C 82 14.43 -13.99 5.81
CA MET C 82 13.90 -13.03 4.86
C MET C 82 14.45 -13.33 3.46
N MET C 83 13.75 -12.84 2.45
CA MET C 83 13.96 -13.29 1.09
C MET C 83 13.50 -12.17 0.18
N ASP C 84 14.25 -11.84 -0.86
CA ASP C 84 13.75 -10.94 -1.90
C ASP C 84 14.03 -11.49 -3.28
N PRO C 85 13.33 -12.57 -3.65
CA PRO C 85 13.78 -13.35 -4.80
C PRO C 85 13.56 -12.59 -6.11
N PRO C 86 14.40 -12.88 -7.14
CA PRO C 86 14.18 -12.33 -8.49
C PRO C 86 13.34 -13.23 -9.38
N TRP C 87 12.14 -12.75 -9.71
CA TRP C 87 11.14 -13.57 -10.37
C TRP C 87 11.34 -13.57 -11.89
N GLN C 88 10.72 -14.54 -12.56
CA GLN C 88 10.72 -14.63 -14.01
C GLN C 88 9.42 -14.07 -14.61
N ASP C 103 18.96 -13.73 -13.59
CA ASP C 103 17.97 -13.05 -12.78
C ASP C 103 16.67 -13.84 -12.74
N SER C 104 16.26 -14.37 -13.88
CA SER C 104 15.03 -15.14 -13.89
C SER C 104 15.30 -16.32 -13.00
N LEU C 105 14.43 -16.56 -12.04
CA LEU C 105 14.60 -17.72 -11.19
C LEU C 105 13.44 -18.67 -11.23
N SER C 106 12.42 -18.30 -11.99
CA SER C 106 11.41 -19.25 -12.39
C SER C 106 10.53 -19.69 -11.26
N ASP C 107 10.60 -18.98 -10.14
CA ASP C 107 9.69 -19.25 -9.04
C ASP C 107 10.02 -20.63 -8.51
N GLU C 108 9.89 -21.60 -9.42
CA GLU C 108 10.04 -23.00 -9.15
C GLU C 108 11.43 -23.35 -8.68
N LYS C 109 12.43 -22.70 -9.25
CA LYS C 109 13.80 -22.96 -8.87
C LYS C 109 14.05 -22.51 -7.44
N ILE C 110 13.08 -21.83 -6.86
CA ILE C 110 13.16 -21.36 -5.48
C ILE C 110 12.45 -22.33 -4.53
N GLN C 111 11.22 -22.71 -4.86
CA GLN C 111 10.49 -23.75 -4.12
C GLN C 111 11.40 -24.89 -3.69
N ASN C 112 12.44 -25.19 -4.49
CA ASN C 112 13.35 -26.31 -4.23
C ASN C 112 14.53 -25.93 -3.33
N MET C 113 14.56 -24.72 -2.81
CA MET C 113 15.41 -24.43 -1.68
C MET C 113 14.94 -25.24 -0.48
N PRO C 114 15.89 -25.85 0.24
CA PRO C 114 15.49 -26.57 1.50
C PRO C 114 15.36 -25.62 2.68
N ILE C 115 14.32 -24.79 2.63
CA ILE C 115 14.10 -23.85 3.72
C ILE C 115 13.81 -24.58 5.02
N GLN C 116 13.03 -25.67 4.95
CA GLN C 116 12.71 -26.44 6.14
C GLN C 116 13.97 -26.88 6.88
N SER C 117 15.06 -27.15 6.15
CA SER C 117 16.31 -27.48 6.82
C SER C 117 16.90 -26.25 7.51
N LEU C 118 16.44 -25.04 7.13
CA LEU C 118 17.17 -23.83 7.49
C LEU C 118 16.61 -23.17 8.75
N GLN C 119 15.35 -23.45 9.09
CA GLN C 119 14.75 -22.91 10.30
C GLN C 119 13.58 -23.78 10.73
N GLN C 120 13.60 -24.13 12.00
CA GLN C 120 12.64 -25.05 12.59
C GLN C 120 11.54 -24.31 13.32
N ASP C 121 11.92 -23.46 14.27
CA ASP C 121 10.95 -22.60 14.92
C ASP C 121 11.33 -21.16 14.66
N GLY C 122 10.38 -20.40 14.09
CA GLY C 122 10.60 -19.00 13.83
C GLY C 122 9.72 -18.50 12.68
N PHE C 123 10.12 -17.34 12.16
CA PHE C 123 9.37 -16.56 11.18
C PHE C 123 10.08 -16.57 9.85
N ILE C 124 9.34 -16.17 8.80
CA ILE C 124 9.86 -16.05 7.43
C ILE C 124 9.15 -14.91 6.72
N PHE C 125 9.94 -14.03 6.07
CA PHE C 125 9.48 -12.86 5.35
C PHE C 125 9.84 -12.99 3.87
N VAL C 126 8.86 -13.01 3.00
CA VAL C 126 9.12 -13.17 1.56
C VAL C 126 8.50 -11.99 0.81
N TRP C 127 9.32 -11.33 0.02
CA TRP C 127 8.92 -10.13 -0.69
C TRP C 127 8.36 -10.48 -2.04
N ALA C 128 7.16 -9.99 -2.31
CA ALA C 128 6.40 -10.33 -3.51
C ALA C 128 5.91 -9.06 -4.21
N ILE C 129 6.19 -8.99 -5.51
CA ILE C 129 5.56 -8.05 -6.42
C ILE C 129 4.15 -8.51 -6.72
N ASN C 130 3.34 -7.64 -7.35
CA ASN C 130 1.92 -7.89 -7.51
C ASN C 130 1.63 -9.12 -8.37
N ALA C 131 2.47 -9.37 -9.38
CA ALA C 131 2.27 -10.54 -10.22
C ALA C 131 2.38 -11.84 -9.43
N LYS C 132 3.33 -11.92 -8.49
CA LYS C 132 3.71 -13.20 -7.89
C LYS C 132 3.20 -13.41 -6.45
N TYR C 133 2.17 -12.67 -6.02
CA TYR C 133 1.53 -12.95 -4.73
C TYR C 133 1.16 -14.42 -4.61
N ARG C 134 0.36 -14.93 -5.55
CA ARG C 134 -0.21 -16.26 -5.36
C ARG C 134 0.85 -17.34 -5.27
N VAL C 135 1.88 -17.27 -6.12
CA VAL C 135 2.88 -18.34 -6.12
C VAL C 135 3.61 -18.39 -4.77
N THR C 136 3.79 -17.22 -4.11
CA THR C 136 4.47 -17.18 -2.81
C THR C 136 3.73 -17.99 -1.75
N ILE C 137 2.41 -17.86 -1.71
CA ILE C 137 1.61 -18.51 -0.68
C ILE C 137 1.86 -20.03 -0.69
N LYS C 138 1.70 -20.67 -1.86
CA LYS C 138 1.93 -22.11 -1.91
C LYS C 138 3.41 -22.45 -1.80
N MET C 139 4.27 -21.45 -1.97
CA MET C 139 5.71 -21.61 -1.76
C MET C 139 6.05 -21.73 -0.30
N ILE C 140 5.40 -20.93 0.54
CA ILE C 140 5.74 -21.00 1.94
C ILE C 140 4.82 -21.95 2.71
N GLU C 141 3.62 -22.18 2.21
CA GLU C 141 2.83 -23.22 2.87
C GLU C 141 3.30 -24.61 2.50
N ASN C 142 4.02 -24.76 1.41
CA ASN C 142 4.68 -26.02 1.15
C ASN C 142 5.95 -26.17 1.96
N TRP C 143 6.42 -25.08 2.57
CA TRP C 143 7.57 -25.11 3.45
C TRP C 143 7.17 -25.24 4.92
N GLY C 144 5.96 -25.74 5.20
CA GLY C 144 5.55 -25.94 6.58
C GLY C 144 5.30 -24.67 7.36
N TYR C 145 5.18 -23.54 6.68
CA TYR C 145 4.76 -22.28 7.28
C TYR C 145 3.26 -22.12 7.21
N LYS C 146 2.73 -21.46 8.22
CA LYS C 146 1.35 -21.00 8.26
C LYS C 146 1.36 -19.49 8.06
N LEU C 147 0.62 -19.00 7.05
CA LEU C 147 0.58 -17.57 6.72
C LEU C 147 -0.17 -16.78 7.79
N VAL C 148 0.51 -15.81 8.40
CA VAL C 148 0.00 -15.20 9.63
C VAL C 148 -0.14 -13.68 9.55
N ASP C 149 0.57 -13.00 8.66
CA ASP C 149 0.55 -11.54 8.62
C ASP C 149 1.15 -11.11 7.30
N GLU C 150 1.07 -9.81 7.02
CA GLU C 150 1.66 -9.22 5.83
C GLU C 150 2.01 -7.78 6.16
N ILE C 151 3.15 -7.34 5.65
CA ILE C 151 3.64 -5.99 5.87
C ILE C 151 3.83 -5.38 4.51
N THR C 152 3.29 -4.19 4.32
CA THR C 152 3.22 -3.60 2.99
C THR C 152 4.15 -2.40 2.94
N TRP C 153 4.93 -2.34 1.87
CA TRP C 153 5.85 -1.25 1.59
C TRP C 153 5.43 -0.51 0.33
N VAL C 154 5.39 0.81 0.45
CA VAL C 154 5.01 1.71 -0.64
C VAL C 154 6.06 2.80 -0.79
N LYS C 155 6.35 3.13 -2.04
CA LYS C 155 7.46 3.98 -2.40
C LYS C 155 7.00 5.43 -2.58
N ALA C 173 2.87 0.87 -7.56
CA ALA C 173 3.99 1.39 -6.76
C ALA C 173 3.98 0.84 -5.36
N LYS C 174 4.19 -0.46 -5.26
CA LYS C 174 4.02 -1.12 -3.97
C LYS C 174 4.72 -2.46 -4.01
N GLU C 175 5.16 -2.89 -2.83
CA GLU C 175 5.72 -4.22 -2.62
C GLU C 175 5.19 -4.75 -1.30
N SER C 176 4.91 -6.04 -1.26
CA SER C 176 4.42 -6.64 -0.03
C SER C 176 5.42 -7.63 0.53
N CYS C 177 5.23 -7.90 1.81
CA CYS C 177 6.08 -8.81 2.58
C CYS C 177 5.19 -9.86 3.21
N LEU C 178 4.98 -10.99 2.56
CA LEU C 178 4.20 -12.00 3.25
C LEU C 178 5.01 -12.48 4.47
N ILE C 179 4.30 -12.95 5.50
CA ILE C 179 4.95 -13.45 6.71
C ILE C 179 4.39 -14.85 7.04
N GLY C 180 5.27 -15.74 7.48
CA GLY C 180 4.88 -17.07 7.89
C GLY C 180 5.59 -17.49 9.17
N VAL C 181 5.09 -18.56 9.78
CA VAL C 181 5.58 -18.99 11.08
C VAL C 181 5.41 -20.50 11.19
N LYS C 182 6.27 -21.13 11.98
CA LYS C 182 6.24 -22.57 12.14
C LYS C 182 6.81 -22.95 13.50
N GLY C 183 6.22 -23.97 14.10
CA GLY C 183 6.77 -24.54 15.30
C GLY C 183 6.57 -23.64 16.50
N ASP C 184 7.23 -24.00 17.57
CA ASP C 184 7.00 -23.29 18.83
C ASP C 184 7.58 -21.88 18.74
N VAL C 185 6.73 -20.89 18.99
CA VAL C 185 7.10 -19.50 18.78
C VAL C 185 6.92 -18.70 20.06
N ASP C 186 6.28 -19.31 21.06
CA ASP C 186 5.97 -18.65 22.32
C ASP C 186 7.00 -18.98 23.40
N ASN C 187 8.27 -19.19 23.03
CA ASN C 187 9.30 -19.60 23.97
C ASN C 187 10.03 -18.43 24.61
N GLY C 188 9.37 -17.28 24.78
CA GLY C 188 10.03 -16.06 25.20
C GLY C 188 10.97 -15.45 24.17
N ARG C 189 11.41 -16.22 23.17
CA ARG C 189 12.38 -15.72 22.19
C ARG C 189 11.79 -14.60 21.35
N PHE C 190 10.55 -14.73 20.94
CA PHE C 190 9.90 -13.79 20.04
C PHE C 190 8.97 -12.90 20.82
N LYS C 191 8.96 -11.60 20.48
CA LYS C 191 8.17 -10.60 21.18
C LYS C 191 6.79 -10.45 20.57
N LYS C 192 5.77 -10.43 21.44
CA LYS C 192 4.37 -10.51 21.02
C LYS C 192 3.89 -9.20 20.38
N ASN C 193 4.32 -8.06 20.94
CA ASN C 193 3.74 -6.75 20.67
C ASN C 193 4.60 -5.94 19.71
N ILE C 194 3.99 -5.49 18.62
CA ILE C 194 4.67 -4.89 17.49
C ILE C 194 3.70 -3.94 16.82
N ALA C 195 4.21 -2.82 16.32
CA ALA C 195 3.48 -1.93 15.44
C ALA C 195 4.07 -2.13 14.05
N SER C 196 3.25 -2.66 13.14
CA SER C 196 3.83 -3.31 11.97
C SER C 196 3.34 -2.75 10.65
N ASP C 197 2.03 -2.60 10.48
CA ASP C 197 1.45 -2.99 9.20
C ASP C 197 1.99 -2.18 8.02
N VAL C 198 2.21 -0.87 8.19
CA VAL C 198 2.61 0.00 7.08
C VAL C 198 3.94 0.70 7.37
N ILE C 199 4.83 0.66 6.38
CA ILE C 199 6.11 1.35 6.40
C ILE C 199 6.27 2.04 5.05
N PHE C 200 6.91 3.22 5.09
CA PHE C 200 7.15 4.06 3.92
C PHE C 200 8.62 4.33 3.67
N SER C 201 9.49 3.96 4.61
CA SER C 201 10.93 4.16 4.57
C SER C 201 11.53 3.83 3.21
N GLU C 202 12.66 4.44 2.87
CA GLU C 202 13.38 5.40 3.73
C GLU C 202 13.57 6.76 3.05
N ARG C 203 13.33 6.77 1.74
CA ARG C 203 13.56 7.92 0.88
C ARG C 203 12.79 7.68 -0.42
N ARG C 204 12.50 8.78 -1.13
CA ARG C 204 11.78 8.71 -2.40
C ARG C 204 12.73 8.33 -3.54
N GLY C 205 12.20 7.54 -4.47
CA GLY C 205 12.93 7.12 -5.66
C GLY C 205 14.02 6.08 -5.45
N GLN C 206 13.75 5.08 -4.62
CA GLN C 206 14.72 4.03 -4.29
C GLN C 206 14.18 2.65 -4.70
N SER C 207 15.10 1.69 -4.89
CA SER C 207 14.77 0.37 -5.45
C SER C 207 15.11 -0.82 -4.53
N GLN C 208 15.94 -0.62 -3.52
CA GLN C 208 16.28 -1.62 -2.52
C GLN C 208 15.23 -1.65 -1.42
N LYS C 209 15.29 -2.67 -0.59
CA LYS C 209 14.29 -2.79 0.44
C LYS C 209 14.60 -1.85 1.60
N PRO C 210 13.57 -1.42 2.34
CA PRO C 210 13.74 -0.37 3.33
C PRO C 210 14.41 -0.86 4.59
N GLU C 211 14.72 0.10 5.46
CA GLU C 211 15.38 -0.18 6.71
C GLU C 211 14.43 -0.62 7.81
N GLU C 212 13.17 -0.17 7.74
CA GLU C 212 12.18 -0.58 8.73
C GLU C 212 12.18 -2.08 8.95
N ILE C 213 12.16 -2.87 7.87
CA ILE C 213 11.93 -4.29 8.03
C ILE C 213 13.06 -4.95 8.78
N TYR C 214 14.23 -4.31 8.85
CA TYR C 214 15.31 -4.82 9.68
C TYR C 214 15.15 -4.41 11.13
N GLN C 215 14.41 -3.31 11.39
CA GLN C 215 14.11 -2.87 12.74
C GLN C 215 12.90 -3.57 13.33
N TYR C 216 11.83 -3.76 12.55
CA TYR C 216 10.72 -4.58 13.00
C TYR C 216 11.18 -6.00 13.32
N ILE C 217 12.15 -6.50 12.55
CA ILE C 217 12.69 -7.82 12.84
C ILE C 217 13.54 -7.79 14.11
N ASN C 218 14.08 -6.63 14.47
CA ASN C 218 14.74 -6.55 15.76
C ASN C 218 13.73 -6.45 16.91
N GLN C 219 12.58 -5.83 16.65
CA GLN C 219 11.51 -5.80 17.64
C GLN C 219 10.89 -7.18 17.83
N LEU C 220 10.92 -8.01 16.79
CA LEU C 220 10.30 -9.34 16.85
C LEU C 220 11.20 -10.35 17.54
N CYS C 221 12.45 -10.45 17.09
CA CYS C 221 13.38 -11.44 17.60
C CYS C 221 14.71 -10.75 17.85
N PRO C 222 14.87 -10.07 19.00
CA PRO C 222 16.14 -9.37 19.28
C PRO C 222 17.24 -10.36 19.61
N ASN C 223 18.44 -10.10 19.10
CA ASN C 223 19.60 -10.95 19.35
C ASN C 223 19.38 -12.35 18.81
N GLY C 224 18.59 -12.43 17.74
CA GLY C 224 18.30 -13.69 17.11
C GLY C 224 19.33 -14.07 16.07
N ASN C 225 19.08 -15.21 15.45
CA ASN C 225 19.84 -15.69 14.32
C ASN C 225 18.99 -15.48 13.08
N TYR C 226 19.51 -14.72 12.12
CA TYR C 226 18.76 -14.39 10.92
C TYR C 226 19.54 -14.80 9.68
N LEU C 227 18.80 -15.03 8.59
CA LEU C 227 19.38 -15.34 7.30
C LEU C 227 18.53 -14.71 6.22
N GLU C 228 19.10 -13.83 5.40
CA GLU C 228 18.40 -13.22 4.27
C GLU C 228 18.98 -13.76 2.97
N ILE C 229 18.15 -14.39 2.16
CA ILE C 229 18.58 -14.82 0.83
C ILE C 229 18.24 -13.76 -0.20
N PHE C 230 18.90 -13.87 -1.35
CA PHE C 230 18.86 -12.87 -2.41
C PHE C 230 19.08 -11.49 -1.84
N ALA C 231 20.00 -11.40 -0.89
CA ALA C 231 20.36 -10.13 -0.30
C ALA C 231 21.41 -9.45 -1.16
N ARG C 232 21.76 -8.24 -0.78
CA ARG C 232 22.60 -7.44 -1.64
C ARG C 232 23.65 -6.78 -0.78
N ARG C 233 24.72 -6.32 -1.41
CA ARG C 233 25.75 -5.60 -0.66
C ARG C 233 25.12 -4.52 0.18
N ASN C 234 24.04 -3.93 -0.32
CA ASN C 234 23.36 -2.81 0.31
C ASN C 234 22.72 -3.10 1.66
N ASN C 235 22.03 -4.23 1.76
CA ASN C 235 21.15 -4.50 2.88
C ASN C 235 21.69 -5.70 3.68
N LEU C 236 22.60 -5.41 4.59
CA LEU C 236 23.17 -6.42 5.45
C LEU C 236 23.52 -5.77 6.79
N HIS C 237 23.14 -6.43 7.87
CA HIS C 237 23.28 -5.91 9.22
C HIS C 237 24.03 -6.97 10.05
N ASP C 238 24.47 -6.60 11.27
CA ASP C 238 25.07 -7.56 12.22
C ASP C 238 24.06 -8.66 12.59
N ASN C 239 24.59 -9.88 12.75
CA ASN C 239 23.93 -11.15 13.12
C ASN C 239 23.12 -11.73 11.96
N TRP C 240 23.18 -11.09 10.80
CA TRP C 240 22.43 -11.46 9.59
C TRP C 240 23.32 -12.19 8.61
N VAL C 241 23.00 -13.45 8.34
CA VAL C 241 23.71 -14.21 7.31
C VAL C 241 23.10 -13.88 5.95
N SER C 242 23.78 -13.00 5.19
CA SER C 242 23.32 -12.53 3.90
C SER C 242 23.91 -13.37 2.78
N ILE C 243 23.10 -13.68 1.77
CA ILE C 243 23.48 -14.57 0.66
C ILE C 243 23.04 -13.94 -0.67
N GLY C 244 23.96 -13.82 -1.63
CA GLY C 244 23.64 -13.22 -2.93
C GLY C 244 24.86 -13.07 -3.82
N ASN C 245 24.62 -13.14 -5.13
CA ASN C 245 25.72 -13.07 -6.09
C ASN C 245 26.24 -11.67 -6.32
N GLU C 246 25.74 -10.68 -5.59
CA GLU C 246 26.28 -9.34 -5.72
C GLU C 246 26.94 -8.86 -4.44
N LEU C 247 27.15 -9.76 -3.48
CA LEU C 247 27.79 -9.45 -2.21
C LEU C 247 29.32 -9.49 -2.29
N ALA D 147 31.97 2.45 -32.99
CA ALA D 147 33.00 3.37 -33.41
C ALA D 147 32.53 4.80 -33.15
N PRO D 148 31.40 4.93 -32.48
CA PRO D 148 30.83 6.23 -32.17
C PRO D 148 30.99 6.56 -30.70
N GLN D 149 31.32 7.81 -30.39
CA GLN D 149 31.34 8.28 -29.01
C GLN D 149 29.95 8.65 -28.52
N TYR D 150 29.33 7.81 -27.64
CA TYR D 150 27.94 8.01 -27.20
C TYR D 150 27.73 9.04 -26.08
N MET D 151 28.79 9.51 -25.39
CA MET D 151 28.69 10.43 -24.25
C MET D 151 29.65 11.60 -24.37
N THR D 152 29.20 12.82 -24.03
CA THR D 152 30.10 13.97 -23.92
C THR D 152 30.85 13.93 -22.58
N LEU D 153 31.67 14.95 -22.31
CA LEU D 153 32.35 14.98 -21.00
C LEU D 153 31.37 15.26 -19.90
N GLU D 154 30.42 16.16 -20.16
CA GLU D 154 29.36 16.43 -19.21
C GLU D 154 28.52 15.19 -18.94
N ASP D 155 28.19 14.43 -19.98
CA ASP D 155 27.45 13.19 -19.74
C ASP D 155 28.24 12.27 -18.82
N ILE D 156 29.56 12.15 -19.04
CA ILE D 156 30.41 11.21 -18.31
C ILE D 156 30.46 11.55 -16.83
N GLU D 157 30.51 12.85 -16.50
CA GLU D 157 30.49 13.24 -15.10
C GLU D 157 29.17 12.92 -14.46
N ASN D 158 28.08 13.13 -15.20
CA ASN D 158 26.74 12.97 -14.64
C ASN D 158 26.51 11.54 -14.19
N GLU D 159 26.91 10.56 -14.98
CA GLU D 159 26.87 9.18 -14.51
C GLU D 159 27.52 9.04 -13.15
N LYS D 160 27.02 8.09 -12.37
CA LYS D 160 27.55 7.76 -11.05
C LYS D 160 28.71 6.77 -11.17
N PHE D 161 29.82 7.27 -11.72
CA PHE D 161 31.03 6.49 -11.92
C PHE D 161 31.91 6.53 -10.67
N THR D 162 32.60 5.42 -10.40
CA THR D 162 33.67 5.36 -9.40
C THR D 162 34.93 6.03 -9.93
N ASN D 163 35.77 6.48 -9.00
CA ASN D 163 37.03 7.10 -9.38
C ASN D 163 37.74 6.36 -10.49
N LEU D 164 37.64 5.02 -10.49
CA LEU D 164 38.26 4.25 -11.56
C LEU D 164 37.42 4.27 -12.82
N GLU D 165 36.09 4.22 -12.69
CA GLU D 165 35.26 4.13 -13.88
C GLU D 165 35.35 5.39 -14.71
N ILE D 166 35.18 6.55 -14.05
CA ILE D 166 35.25 7.79 -14.79
C ILE D 166 36.67 8.05 -15.28
N LEU D 167 37.70 7.63 -14.56
CA LEU D 167 39.01 7.77 -15.15
C LEU D 167 39.13 6.92 -16.40
N THR D 168 38.41 5.82 -16.50
CA THR D 168 38.56 5.01 -17.70
C THR D 168 37.84 5.63 -18.87
N HIS D 169 36.68 6.25 -18.64
CA HIS D 169 36.02 6.95 -19.72
C HIS D 169 36.78 8.21 -20.11
N LEU D 170 37.36 8.89 -19.12
CA LEU D 170 38.15 10.08 -19.41
C LEU D 170 39.40 9.71 -20.20
N TYR D 171 40.04 8.57 -19.88
CA TYR D 171 41.20 8.13 -20.65
C TYR D 171 40.82 7.83 -22.08
N ASN D 172 39.64 7.26 -22.30
CA ASN D 172 39.27 6.86 -23.64
C ASN D 172 38.82 8.04 -24.47
N LEU D 173 37.98 8.91 -23.93
CA LEU D 173 37.78 10.17 -24.62
C LEU D 173 39.10 10.77 -25.04
N LYS D 174 40.07 10.85 -24.13
CA LYS D 174 41.36 11.44 -24.48
C LYS D 174 42.01 10.75 -25.65
N ALA D 175 41.88 9.42 -25.73
CA ALA D 175 42.56 8.71 -26.80
C ALA D 175 41.87 8.92 -28.12
N GLU D 176 40.54 9.06 -28.09
CA GLU D 176 39.82 9.42 -29.30
C GLU D 176 40.24 10.81 -29.79
N ILE D 177 40.06 11.84 -28.95
CA ILE D 177 40.37 13.22 -29.31
C ILE D 177 41.77 13.35 -29.89
N VAL D 178 42.76 12.76 -29.22
CA VAL D 178 44.11 12.78 -29.75
C VAL D 178 44.10 12.24 -31.17
N ARG D 179 43.47 11.09 -31.34
CA ARG D 179 43.36 10.49 -32.67
C ARG D 179 42.75 11.45 -33.68
N ARG D 180 41.69 12.16 -33.29
CA ARG D 180 41.06 13.10 -34.21
C ARG D 180 41.93 14.32 -34.48
N LEU D 181 42.76 14.70 -33.51
CA LEU D 181 43.63 15.84 -33.73
C LEU D 181 44.77 15.54 -34.66
N ALA D 182 44.82 14.34 -35.21
CA ALA D 182 45.87 13.92 -36.13
C ALA D 182 45.47 14.10 -37.59
N GLU D 183 44.27 14.63 -37.85
CA GLU D 183 43.73 14.75 -39.21
C GLU D 183 43.74 16.20 -39.68
N LYS E 160 -24.60 10.77 14.26
CA LYS E 160 -25.40 11.96 14.52
C LYS E 160 -26.88 11.60 14.45
N PHE E 161 -27.68 12.26 15.28
CA PHE E 161 -29.10 11.94 15.36
C PHE E 161 -29.86 12.62 14.22
N THR E 162 -31.06 12.10 13.94
CA THR E 162 -32.00 12.78 13.05
C THR E 162 -32.97 13.60 13.87
N ASN E 163 -33.81 14.37 13.16
CA ASN E 163 -34.81 15.17 13.86
C ASN E 163 -35.84 14.29 14.52
N LEU E 164 -36.18 13.16 13.90
CA LEU E 164 -37.13 12.27 14.54
C LEU E 164 -36.54 11.69 15.80
N GLU E 165 -35.36 11.07 15.71
CA GLU E 165 -34.75 10.45 16.88
C GLU E 165 -34.62 11.42 18.04
N ILE E 166 -34.34 12.70 17.76
CA ILE E 166 -34.23 13.65 18.86
C ILE E 166 -35.58 13.87 19.50
N LEU E 167 -36.64 13.97 18.69
CA LEU E 167 -37.97 14.18 19.25
C LEU E 167 -38.41 12.99 20.07
N THR E 168 -38.03 11.79 19.64
CA THR E 168 -38.32 10.57 20.39
C THR E 168 -37.68 10.61 21.77
N HIS E 169 -36.36 10.86 21.83
CA HIS E 169 -35.73 10.98 23.14
C HIS E 169 -36.43 12.06 23.96
N LEU E 170 -36.78 13.17 23.33
CA LEU E 170 -37.36 14.27 24.07
C LEU E 170 -38.72 13.89 24.64
N TYR E 171 -39.54 13.18 23.85
CA TYR E 171 -40.84 12.78 24.37
C TYR E 171 -40.70 11.77 25.51
N ASN E 172 -39.89 10.73 25.29
CA ASN E 172 -39.65 9.72 26.31
C ASN E 172 -39.08 10.33 27.57
N LEU E 173 -38.11 11.22 27.44
CA LEU E 173 -37.65 11.99 28.58
C LEU E 173 -38.81 12.71 29.23
N LYS E 174 -39.65 13.35 28.42
CA LYS E 174 -40.73 14.14 29.00
C LYS E 174 -41.63 13.23 29.82
N ALA E 175 -41.88 12.01 29.31
CA ALA E 175 -42.72 11.06 30.04
C ALA E 175 -42.10 10.66 31.37
N GLU E 176 -40.79 10.39 31.39
CA GLU E 176 -40.14 10.00 32.64
C GLU E 176 -40.19 11.12 33.68
N ILE E 177 -39.96 12.37 33.26
CA ILE E 177 -39.98 13.46 34.23
C ILE E 177 -41.39 13.74 34.69
N VAL E 178 -42.34 13.76 33.75
CA VAL E 178 -43.72 13.87 34.17
C VAL E 178 -44.08 12.76 35.15
N ARG E 179 -43.46 11.59 35.00
CA ARG E 179 -43.70 10.55 35.98
C ARG E 179 -43.11 10.91 37.35
N ARG E 180 -41.92 11.50 37.40
CA ARG E 180 -41.39 11.85 38.72
C ARG E 180 -42.07 13.09 39.27
N LEU E 181 -42.55 13.97 38.41
CA LEU E 181 -43.29 15.12 38.91
C LEU E 181 -44.64 14.71 39.47
N ALA E 182 -45.23 13.64 38.94
CA ALA E 182 -46.46 13.10 39.49
C ALA E 182 -46.21 12.23 40.71
N GLU E 183 -45.06 11.55 40.76
CA GLU E 183 -44.71 10.74 41.93
C GLU E 183 -44.59 11.60 43.18
N GLN E 184 -44.55 12.92 43.03
CA GLN E 184 -44.49 13.83 44.16
C GLN E 184 -45.85 14.49 44.38
N PRO F 11 24.02 -19.30 19.93
CA PRO F 11 24.95 -18.21 19.63
C PRO F 11 25.08 -17.23 20.81
N LEU F 12 25.92 -17.60 21.80
CA LEU F 12 26.02 -16.82 23.03
C LEU F 12 26.79 -15.51 22.81
N ASP F 13 27.86 -15.54 22.02
CA ASP F 13 28.66 -14.36 21.67
C ASP F 13 28.65 -14.19 20.16
N PHE F 14 28.06 -13.08 19.72
CA PHE F 14 27.93 -12.78 18.29
C PHE F 14 29.22 -12.46 17.53
N THR F 15 30.13 -11.73 18.16
CA THR F 15 31.30 -11.22 17.46
C THR F 15 32.22 -12.32 16.91
N GLN F 16 32.44 -13.35 17.70
CA GLN F 16 33.13 -14.54 17.22
C GLN F 16 32.29 -15.30 16.20
N TYR F 17 30.99 -15.37 16.47
CA TYR F 17 30.10 -16.26 15.76
C TYR F 17 30.18 -15.87 14.32
N ALA F 18 30.24 -14.58 14.06
CA ALA F 18 30.46 -14.12 12.71
C ALA F 18 31.82 -14.59 12.26
N LYS F 19 32.79 -14.47 13.16
CA LYS F 19 34.14 -14.82 12.79
C LYS F 19 34.24 -16.30 12.46
N ASN F 20 33.66 -17.15 13.31
CA ASN F 20 33.65 -18.58 13.01
C ASN F 20 32.83 -18.81 11.78
N MET F 21 31.71 -18.11 11.70
CA MET F 21 30.83 -18.21 10.55
C MET F 21 31.51 -17.60 9.33
N ARG F 22 32.00 -16.36 9.41
CA ARG F 22 32.69 -15.77 8.25
C ARG F 22 33.84 -16.65 7.77
N LYS F 23 34.71 -17.10 8.69
CA LYS F 23 35.81 -17.97 8.27
C LYS F 23 35.30 -19.27 7.65
N ASP F 24 34.10 -19.73 8.05
CA ASP F 24 33.65 -21.04 7.56
C ASP F 24 32.99 -20.94 6.17
N LEU F 25 32.39 -19.79 5.84
CA LEU F 25 31.59 -19.69 4.61
C LEU F 25 31.84 -18.45 3.77
N SER F 26 32.62 -17.51 4.26
CA SER F 26 32.82 -16.28 3.54
C SER F 26 33.79 -16.50 2.40
N ASN F 27 33.66 -15.73 1.32
CA ASN F 27 34.60 -15.81 0.23
C ASN F 27 35.93 -15.29 0.72
N GLN F 28 37.01 -15.72 0.10
CA GLN F 28 38.32 -15.53 0.68
C GLN F 28 38.54 -14.06 0.87
N ASP F 29 38.12 -13.29 -0.12
CA ASP F 29 38.27 -11.85 -0.12
C ASP F 29 37.50 -11.14 0.96
N ILE F 30 36.32 -11.65 1.28
CA ILE F 30 35.41 -10.97 2.19
C ILE F 30 36.00 -10.94 3.60
N CYS F 31 36.45 -12.10 4.07
CA CYS F 31 37.02 -12.26 5.40
C CYS F 31 38.54 -12.32 5.33
N LEU F 32 39.17 -11.81 6.37
CA LEU F 32 40.60 -11.98 6.52
C LEU F 32 40.92 -13.43 6.92
N GLU F 33 42.21 -13.69 7.10
CA GLU F 33 42.66 -14.89 7.79
C GLU F 33 42.12 -14.94 9.23
N ASP F 34 42.10 -13.78 9.91
CA ASP F 34 41.75 -13.66 11.33
C ASP F 34 40.26 -13.81 11.60
N GLY F 35 39.47 -14.05 10.55
CA GLY F 35 38.02 -14.12 10.66
C GLY F 35 37.31 -12.78 10.64
N ALA F 36 38.04 -11.67 10.76
CA ALA F 36 37.48 -10.32 10.82
C ALA F 36 37.18 -9.79 9.41
N LEU F 37 36.22 -8.89 9.35
CA LEU F 37 35.73 -8.43 8.05
C LEU F 37 36.81 -7.62 7.34
N ASN F 38 37.09 -8.02 6.10
CA ASN F 38 37.93 -7.24 5.18
C ASN F 38 37.13 -6.06 4.67
N HIS F 39 37.32 -4.89 5.30
CA HIS F 39 36.64 -3.67 4.87
C HIS F 39 37.05 -3.21 3.47
N SER F 40 38.24 -3.63 2.96
CA SER F 40 38.71 -3.15 1.66
C SER F 40 37.92 -3.75 0.51
N TYR F 41 37.23 -4.86 0.72
CA TYR F 41 36.47 -5.48 -0.36
C TYR F 41 35.10 -4.85 -0.54
N PHE F 42 34.59 -4.20 0.51
CA PHE F 42 33.31 -3.47 0.44
C PHE F 42 33.50 -1.97 0.30
N LEU F 43 34.74 -1.50 0.16
CA LEU F 43 35.02 -0.14 -0.29
C LEU F 43 35.28 -0.07 -1.80
N THR F 44 35.25 -1.20 -2.48
CA THR F 44 35.45 -1.24 -3.91
C THR F 44 34.23 -1.92 -4.52
N LYS F 45 33.68 -1.30 -5.56
CA LYS F 45 32.52 -1.85 -6.26
C LYS F 45 32.77 -3.33 -6.57
N LYS F 46 31.70 -4.11 -6.48
CA LYS F 46 31.77 -5.54 -6.73
C LYS F 46 32.34 -5.82 -8.12
N GLY F 47 33.23 -6.83 -8.20
CA GLY F 47 33.85 -7.24 -9.45
C GLY F 47 35.02 -6.40 -9.90
N GLN F 48 35.33 -5.35 -9.14
CA GLN F 48 36.43 -4.43 -9.42
C GLN F 48 37.46 -4.47 -8.31
N TYR F 49 37.44 -5.49 -7.48
CA TYR F 49 38.34 -5.54 -6.33
C TYR F 49 39.76 -5.75 -6.83
N TRP F 50 40.69 -5.00 -6.26
CA TRP F 50 42.12 -5.15 -6.52
C TRP F 50 42.71 -5.93 -5.35
N THR F 51 43.13 -7.18 -5.63
CA THR F 51 43.63 -8.12 -4.63
C THR F 51 45.14 -7.98 -4.47
N PRO F 52 45.70 -8.55 -3.40
CA PRO F 52 47.17 -8.55 -3.29
C PRO F 52 47.84 -9.40 -4.38
N LEU F 53 47.19 -10.46 -4.86
CA LEU F 53 47.73 -11.19 -5.99
C LEU F 53 47.78 -10.31 -7.23
N ASN F 54 46.77 -9.46 -7.41
CA ASN F 54 46.79 -8.50 -8.51
C ASN F 54 47.95 -7.53 -8.36
N GLN F 55 48.28 -7.14 -7.12
CA GLN F 55 49.37 -6.20 -6.88
C GLN F 55 50.71 -6.79 -7.29
N LYS F 56 50.99 -8.03 -6.87
CA LYS F 56 52.28 -8.66 -7.20
C LYS F 56 52.34 -9.01 -8.68
N ALA F 57 51.25 -9.54 -9.23
CA ALA F 57 51.17 -9.79 -10.67
C ALA F 57 51.36 -8.51 -11.48
N LEU F 58 51.15 -7.34 -10.86
CA LEU F 58 51.53 -6.07 -11.46
C LEU F 58 52.97 -5.70 -11.14
N GLN F 59 53.39 -5.80 -9.87
CA GLN F 59 54.77 -5.51 -9.52
C GLN F 59 55.72 -6.29 -10.40
N ARG F 60 55.53 -7.61 -10.47
CA ARG F 60 56.32 -8.47 -11.34
C ARG F 60 56.11 -8.10 -12.81
N GLY F 61 54.90 -7.66 -13.17
CA GLY F 61 54.65 -7.24 -14.55
C GLY F 61 55.52 -6.07 -14.98
N ILE F 62 55.69 -5.08 -14.09
CA ILE F 62 56.43 -3.87 -14.46
C ILE F 62 57.88 -4.21 -14.79
N GLU F 63 58.57 -4.83 -13.82
CA GLU F 63 59.95 -5.25 -14.03
C GLU F 63 60.09 -6.06 -15.31
N LEU F 64 59.07 -6.86 -15.65
CA LEU F 64 59.25 -7.74 -16.80
C LEU F 64 59.04 -7.02 -18.12
N PHE F 65 58.06 -6.11 -18.21
CA PHE F 65 57.82 -5.41 -19.46
C PHE F 65 58.10 -3.92 -19.44
N GLY F 66 58.47 -3.34 -18.30
CA GLY F 66 58.64 -1.91 -18.23
C GLY F 66 57.33 -1.15 -18.17
N VAL F 67 57.43 0.16 -17.89
CA VAL F 67 56.28 0.94 -17.47
C VAL F 67 55.34 1.25 -18.65
N GLY F 68 55.88 1.75 -19.77
CA GLY F 68 55.01 2.20 -20.86
C GLY F 68 53.99 1.17 -21.34
N ASN F 69 54.35 -0.11 -21.35
CA ASN F 69 53.67 -1.12 -22.17
C ASN F 69 52.60 -1.88 -21.36
N TRP F 70 51.37 -1.37 -21.33
CA TRP F 70 50.34 -1.90 -20.42
C TRP F 70 49.63 -3.14 -20.95
N LYS F 71 49.35 -3.13 -22.24
CA LYS F 71 48.72 -4.22 -22.94
C LYS F 71 49.54 -5.50 -22.80
N GLU F 72 50.87 -5.41 -22.93
CA GLU F 72 51.70 -6.61 -22.81
C GLU F 72 51.64 -7.21 -21.40
N ILE F 73 51.58 -6.38 -20.35
CA ILE F 73 51.55 -6.90 -18.98
C ILE F 73 50.20 -7.56 -18.69
N ASN F 74 49.13 -6.96 -19.21
CA ASN F 74 47.77 -7.36 -18.91
C ASN F 74 47.52 -8.81 -19.30
N TYR F 75 48.00 -9.19 -20.47
CA TYR F 75 47.91 -10.56 -20.94
C TYR F 75 48.70 -11.51 -20.07
N ASP F 76 49.79 -11.02 -19.51
CA ASP F 76 50.80 -11.90 -18.96
C ASP F 76 50.40 -12.44 -17.60
N GLU F 77 49.87 -11.59 -16.72
CA GLU F 77 49.45 -12.15 -15.47
C GLU F 77 47.96 -12.02 -15.21
N PHE F 78 47.23 -11.30 -16.06
CA PHE F 78 45.79 -11.15 -15.90
C PHE F 78 44.99 -11.76 -17.04
N SER F 79 45.63 -12.53 -17.91
CA SER F 79 44.92 -13.25 -18.97
C SER F 79 44.02 -12.33 -19.76
N GLY F 80 44.35 -11.04 -19.72
CA GLY F 80 43.66 -10.00 -20.48
C GLY F 80 42.45 -9.43 -19.82
N LYS F 81 42.28 -9.67 -18.53
CA LYS F 81 41.00 -9.41 -17.87
C LYS F 81 41.02 -8.18 -16.98
N ALA F 82 42.09 -7.40 -17.00
CA ALA F 82 42.19 -6.21 -16.15
C ALA F 82 42.11 -4.95 -17.00
N ASN F 83 42.06 -3.83 -16.32
CA ASN F 83 41.83 -2.54 -16.96
C ASN F 83 43.17 -1.82 -17.10
N ILE F 84 43.61 -1.61 -18.35
CA ILE F 84 44.88 -0.92 -18.57
C ILE F 84 44.89 0.42 -17.89
N VAL F 85 43.74 1.04 -17.70
CA VAL F 85 43.78 2.30 -16.97
C VAL F 85 44.02 2.06 -15.49
N GLU F 86 43.51 0.95 -14.94
CA GLU F 86 43.79 0.65 -13.55
C GLU F 86 45.25 0.32 -13.34
N LEU F 87 45.92 -0.18 -14.37
CA LEU F 87 47.32 -0.51 -14.24
C LEU F 87 48.18 0.74 -14.19
N GLU F 88 47.92 1.67 -15.11
CA GLU F 88 48.65 2.93 -15.08
C GLU F 88 48.48 3.60 -13.72
N LEU F 89 47.24 3.77 -13.27
CA LEU F 89 47.04 4.39 -11.98
C LEU F 89 47.69 3.59 -10.86
N ARG F 90 47.72 2.26 -10.98
CA ARG F 90 48.21 1.48 -9.85
C ARG F 90 49.72 1.66 -9.67
N THR F 91 50.44 1.88 -10.78
CA THR F 91 51.88 2.08 -10.72
C THR F 91 52.26 3.50 -10.29
N CYS F 92 51.45 4.49 -10.62
CA CYS F 92 51.66 5.80 -10.01
C CYS F 92 51.66 5.70 -8.50
N MET F 93 51.07 4.65 -7.93
CA MET F 93 51.08 4.40 -6.50
C MET F 93 52.29 3.58 -6.08
N ILE F 94 52.71 2.70 -6.99
CA ILE F 94 53.89 1.87 -6.79
C ILE F 94 55.15 2.71 -6.86
N LEU F 95 55.24 3.58 -7.86
CA LEU F 95 56.22 4.65 -7.77
C LEU F 95 55.66 5.79 -6.94
N GLY F 96 56.50 6.74 -6.58
CA GLY F 96 56.01 7.85 -5.79
C GLY F 96 55.12 8.79 -6.57
N ILE F 97 55.37 8.94 -7.87
CA ILE F 97 54.92 10.09 -8.65
C ILE F 97 53.51 9.83 -9.19
N ASN F 98 52.85 10.91 -9.59
CA ASN F 98 51.50 10.88 -10.12
C ASN F 98 51.45 10.86 -11.65
N ASP F 99 52.43 11.43 -12.34
CA ASP F 99 52.58 11.17 -13.77
C ASP F 99 53.89 10.43 -14.01
N ILE F 100 53.86 9.50 -14.95
CA ILE F 100 54.95 8.57 -15.10
C ILE F 100 55.51 8.60 -16.52
N THR F 101 55.32 9.72 -17.18
CA THR F 101 55.83 9.81 -18.54
C THR F 101 57.34 9.71 -18.58
N GLU F 102 58.04 10.01 -17.48
CA GLU F 102 59.49 9.96 -17.47
C GLU F 102 60.03 8.58 -17.20
N TYR F 103 59.17 7.59 -17.02
CA TYR F 103 59.58 6.23 -16.71
C TYR F 103 59.30 5.27 -17.86
N TYR F 104 58.58 5.72 -18.90
CA TYR F 104 58.09 4.81 -19.92
C TYR F 104 59.22 4.03 -20.56
N GLY F 105 59.01 2.74 -20.69
CA GLY F 105 59.97 1.85 -21.30
C GLY F 105 60.91 1.17 -20.33
N LYS F 106 61.22 1.82 -19.22
CA LYS F 106 62.26 1.25 -18.35
C LYS F 106 61.62 0.16 -17.51
N LYS F 107 62.32 -0.97 -17.37
CA LYS F 107 61.81 -2.11 -16.64
C LYS F 107 62.41 -2.04 -15.24
N ILE F 108 61.56 -1.89 -14.24
CA ILE F 108 62.02 -1.52 -12.92
C ILE F 108 61.86 -2.71 -12.00
N SER F 109 62.93 -3.04 -11.28
CA SER F 109 62.90 -4.23 -10.47
C SER F 109 62.01 -4.04 -9.26
N GLU F 110 61.37 -5.13 -8.83
CA GLU F 110 60.52 -5.08 -7.65
C GLU F 110 61.19 -4.36 -6.48
N GLU F 111 62.51 -4.56 -6.30
CA GLU F 111 63.22 -3.81 -5.26
C GLU F 111 63.61 -2.43 -5.74
N GLU F 112 63.93 -2.32 -7.02
CA GLU F 112 64.24 -1.01 -7.56
C GLU F 112 63.05 -0.08 -7.46
N GLN F 113 61.85 -0.56 -7.81
CA GLN F 113 60.69 0.32 -7.80
C GLN F 113 60.40 0.82 -6.39
N GLU F 114 60.53 -0.05 -5.38
CA GLU F 114 60.39 0.42 -4.01
C GLU F 114 61.41 1.51 -3.69
N GLU F 115 62.62 1.41 -4.23
CA GLU F 115 63.60 2.48 -4.02
C GLU F 115 63.12 3.77 -4.65
N ILE F 116 62.60 3.70 -5.88
CA ILE F 116 62.13 4.90 -6.59
C ILE F 116 60.99 5.56 -5.83
N LYS F 117 60.09 4.76 -5.27
CA LYS F 117 58.95 5.28 -4.54
C LYS F 117 59.39 6.20 -3.40
N LYS F 118 60.23 5.69 -2.49
CA LYS F 118 60.56 6.49 -1.32
C LYS F 118 61.33 7.75 -1.69
N SER F 119 62.11 7.72 -2.78
CA SER F 119 62.86 8.92 -3.18
C SER F 119 61.92 10.00 -3.71
N ASN F 120 60.85 9.59 -4.38
CA ASN F 120 59.80 10.52 -4.82
C ASN F 120 58.98 11.02 -3.63
N ILE F 121 58.61 10.13 -2.70
CA ILE F 121 57.96 10.61 -1.47
C ILE F 121 58.89 11.58 -0.74
N ALA F 122 60.22 11.33 -0.79
CA ALA F 122 61.17 12.24 -0.15
C ALA F 122 61.23 13.58 -0.87
N LYS F 123 61.47 13.55 -2.19
CA LYS F 123 61.47 14.76 -3.00
C LYS F 123 60.12 15.47 -2.99
N GLY F 124 59.03 14.71 -2.81
CA GLY F 124 57.73 15.34 -2.62
C GLY F 124 57.72 16.27 -1.42
N LYS F 125 58.17 15.78 -0.27
CA LYS F 125 58.23 16.62 0.93
C LYS F 125 59.20 17.78 0.77
N LYS F 126 60.22 17.63 -0.09
CA LYS F 126 61.25 18.66 -0.22
C LYS F 126 60.73 19.92 -0.90
N GLU F 127 59.82 19.76 -1.86
CA GLU F 127 59.20 20.90 -2.53
C GLU F 127 57.72 21.07 -2.14
N ASN F 128 57.31 20.46 -1.03
CA ASN F 128 55.94 20.48 -0.48
C ASN F 128 54.88 20.07 -1.50
N LYS F 129 55.26 19.28 -2.51
CA LYS F 129 54.34 18.76 -3.52
C LYS F 129 54.13 17.26 -3.26
N LEU F 130 53.34 16.95 -2.23
CA LEU F 130 53.00 15.58 -1.86
C LEU F 130 51.65 15.56 -1.16
N LYS F 131 50.79 14.64 -1.60
CA LYS F 131 49.41 14.50 -1.12
C LYS F 131 49.00 13.05 -1.32
N ASP F 132 48.39 12.45 -0.30
CA ASP F 132 47.97 11.05 -0.38
C ASP F 132 49.14 10.15 -0.79
N ASN F 133 50.32 10.41 -0.21
CA ASN F 133 51.48 9.54 -0.33
C ASN F 133 51.92 9.36 -1.77
N ILE F 134 51.69 10.40 -2.57
CA ILE F 134 51.95 10.40 -4.01
C ILE F 134 52.62 11.74 -4.33
N TYR F 135 53.83 11.67 -4.90
CA TYR F 135 54.48 12.84 -5.45
C TYR F 135 53.66 13.37 -6.62
N GLN F 136 53.34 14.67 -6.59
CA GLN F 136 52.47 15.28 -7.59
C GLN F 136 53.29 16.20 -8.49
N LYS F 137 54.07 15.58 -9.37
CA LYS F 137 54.91 16.33 -10.28
C LYS F 137 54.10 17.12 -11.28
N LEU F 138 52.94 16.62 -11.67
CA LEU F 138 52.04 17.36 -12.54
C LEU F 138 50.92 17.96 -11.70
N GLN F 139 50.51 19.19 -12.03
CA GLN F 139 49.37 19.89 -11.37
C GLN F 139 48.35 20.46 -12.36
N SAH G . -17.28 -1.14 2.77
CA SAH G . -18.65 -0.74 2.97
CB SAH G . -19.08 -1.17 4.35
CG SAH G . -19.80 -2.51 4.27
SD SAH G . -19.93 -3.09 5.91
C SAH G . -18.76 0.75 2.87
O SAH G . -19.13 1.27 1.80
OXT SAH G . -18.44 1.41 3.88
C5' SAH G . -20.79 -4.59 5.68
C4' SAH G . -22.23 -4.36 5.26
O4' SAH G . -22.82 -5.62 4.95
C3' SAH G . -23.08 -3.82 6.37
O3' SAH G . -24.00 -2.88 5.81
C2' SAH G . -23.93 -4.94 6.84
O2' SAH G . -25.20 -4.44 7.23
C1' SAH G . -24.10 -5.65 5.54
N9 SAH G . -24.66 -7.01 5.74
C8 SAH G . -24.60 -7.83 6.81
N7 SAH G . -25.28 -8.97 6.58
C5 SAH G . -25.78 -8.87 5.34
C6 SAH G . -26.59 -9.70 4.44
N6 SAH G . -27.02 -10.90 4.80
N1 SAH G . -26.88 -9.21 3.23
C2 SAH G . -26.47 -8.01 2.83
N3 SAH G . -25.72 -7.20 3.58
C4 SAH G . -25.37 -7.58 4.81
N SAH H . 15.93 -6.89 -2.02
CA SAH H . 17.34 -6.80 -2.25
CB SAH H . 17.59 -6.80 -3.74
CG SAH H . 17.58 -8.22 -4.25
SD SAH H . 16.73 -8.30 -5.78
C SAH H . 17.88 -5.57 -1.62
O SAH H . 18.21 -5.60 -0.42
OXT SAH H . 18.01 -4.56 -2.30
C5' SAH H . 17.37 -9.77 -6.49
C4' SAH H . 18.83 -9.94 -6.17
O4' SAH H . 19.09 -11.31 -6.04
C3' SAH H . 19.71 -9.44 -7.28
O3' SAH H . 20.69 -8.58 -6.72
C2' SAH H . 20.46 -10.61 -7.81
O2' SAH H . 21.83 -10.26 -7.89
C1' SAH H . 20.26 -11.67 -6.76
N9 SAH H . 20.10 -12.97 -7.45
C8 SAH H . 19.35 -13.24 -8.53
N7 SAH H . 19.47 -14.53 -8.88
C5 SAH H . 20.31 -15.09 -8.03
C6 SAH H . 20.88 -16.43 -7.83
N6 SAH H . 20.57 -17.46 -8.63
N1 SAH H . 21.73 -16.59 -6.81
C2 SAH H . 22.05 -15.58 -5.98
N3 SAH H . 21.58 -14.34 -6.10
C4 SAH H . 20.72 -14.06 -7.09
#